data_6LN2
#
_entry.id   6LN2
#
_cell.length_a   63.040
_cell.length_b   64.660
_cell.length_c   322.400
_cell.angle_alpha   90.000
_cell.angle_beta   90.000
_cell.angle_gamma   90.000
#
_symmetry.space_group_name_H-M   'P 21 21 21'
#
loop_
_entity.id
_entity.type
_entity.pdbx_description
1 polymer 'Glucagon-like peptide 1 receptor,Rubredoxin,Glucagon-like peptide 1 receptor'
2 polymer 'Fab7F38_light chain'
3 polymer 'Fab7F38_heavy chain'
4 non-polymer 2-acetamido-2-deoxy-beta-D-glucopyranose
5 non-polymer 'ZINC ION'
6 non-polymer N-{4-[(R)-(3,3-dimethylcyclobutyl)({6-[4-(trifluoromethyl)-1H-imidazol-1-yl]pyridin-3-yl}amino)methyl]benzene-1-carbonyl}-beta-alanine
#
loop_
_entity_poly.entity_id
_entity_poly.type
_entity_poly.pdbx_seq_one_letter_code
_entity_poly.pdbx_strand_id
1 'polypeptide(L)'
;RPQGATVSLWETVQKWREYRRQCQRSLTEDPPPATDLFCNRTFDEYACWPDGEPGSFVNVSCPWYLPWASSVPQGHVYRF
CTAEGLWLQKDNSSLPWRDLSECEESKRGERSSPEEQLLFLYIIYTVGYALSFSALVIASAILLGFRHLHCTRNYIHLNL
FASFILRALCVFFKDAALKWMYSTAAQQHQWDGLLSYQDSLACRLVFLLCQYCVAANYYWLLVEGVYLYTLLAFSVLMKK
YTCTVCGYIYNPEDGDPDNGVNPGTDFKDIPDDWVCPLCGVGKDQFEEVEEEQWIFRLYVAIGWGVPLLFVVPWGIVKYL
YEDEGCWTRNSNMNYWLIIRLPILFACIVNFLIFVRVICIVVSKLKANLMCKTDIAFRLAKSTLTLIPLLCTHEVIFAFV
MDEHARGTLRFIKLFTDLSFTSFQGLMVAILYCFVNNEVQLEFRKSWERWRLEHLHIQRDSSMKPLKCP
;
A
2 'polypeptide(L)'
;QIVLTQSPAIMSASPGEKVTISCSASSSVSYMYWYQQKPGSSPKPWIYRTSKLASGVPVRFSGSGSGTSYSLTISNMEAE
DAATYYCQQFHTYPWTFGGGTKLEIKRTVAAPSVFIFPPSDEQLKSGTASVVCLLNNFYPREAKVQWKVDNALQSGNSQE
SVTEQDSKDSTYSLSSTLTLSKADYEKHKVYACEVTHQGLSSPVTKSFNRGEC
;
B
3 'polypeptide(L)'
;EVQLQQSGPELVKPGASVKMSCKAPGYTFTSYVTHWVKQKPGQGLEWIGYINPYNDSPKYNEKYKAKATLTSDKSSSTVY
MELSSLTSEDSAVYYCARIGYFRYDEGGNYALDYWGQGTSVTVSSASTKGPSVFPLAPCSRSTSESTAALGCLVKDYFPE
PVTVSWNSGALTSGVHTFPAVLQSSGLYSLSSVVTVPSSSLGTKTYTCNVDHKPSNTKVDKRVESK
;
C
#
loop_
_chem_comp.id
_chem_comp.type
_chem_comp.name
_chem_comp.formula
97Y non-polymer N-{4-[(R)-(3,3-dimethylcyclobutyl)({6-[4-(trifluoromethyl)-1H-imidazol-1-yl]pyridin-3-yl}amino)methyl]benzene-1-carbonyl}-beta-alanine 'C26 H28 F3 N5 O3'
NAG D-saccharide, beta linking 2-acetamido-2-deoxy-beta-D-glucopyranose 'C8 H15 N O6'
ZN non-polymer 'ZINC ION' 'Zn 2'
#
# COMPACT_ATOMS: atom_id res chain seq x y z
N THR A 6 -33.08 28.25 -14.82
CA THR A 6 -31.83 28.17 -14.06
C THR A 6 -31.68 26.80 -13.37
N VAL A 7 -30.44 26.44 -13.00
CA VAL A 7 -30.18 25.21 -12.27
C VAL A 7 -30.13 25.56 -10.75
N SER A 8 -30.85 24.79 -9.92
CA SER A 8 -30.93 25.04 -8.48
C SER A 8 -29.73 24.46 -7.73
N LEU A 9 -29.33 25.12 -6.64
CA LEU A 9 -28.23 24.64 -5.78
C LEU A 9 -28.71 23.56 -4.80
N TRP A 10 -30.03 23.38 -4.67
CA TRP A 10 -30.63 22.40 -3.79
C TRP A 10 -31.03 21.16 -4.57
N GLU A 11 -31.71 21.36 -5.70
CA GLU A 11 -32.15 20.26 -6.55
C GLU A 11 -30.95 19.47 -7.08
N THR A 12 -29.81 20.16 -7.29
CA THR A 12 -28.61 19.49 -7.77
C THR A 12 -28.06 18.54 -6.69
N VAL A 13 -28.37 18.79 -5.42
CA VAL A 13 -27.97 17.93 -4.31
C VAL A 13 -29.03 16.85 -4.12
N GLN A 14 -30.31 17.17 -4.38
CA GLN A 14 -31.40 16.19 -4.28
C GLN A 14 -31.18 15.11 -5.37
N LYS A 15 -30.71 15.54 -6.55
CA LYS A 15 -30.39 14.63 -7.65
C LYS A 15 -29.12 13.81 -7.30
N TRP A 16 -28.17 14.45 -6.62
CA TRP A 16 -26.97 13.77 -6.15
C TRP A 16 -27.36 12.71 -5.14
N ARG A 17 -28.30 13.03 -4.24
CA ARG A 17 -28.77 12.07 -3.24
C ARG A 17 -29.39 10.85 -3.94
N GLU A 18 -30.06 11.07 -5.09
CA GLU A 18 -30.63 9.96 -5.83
C GLU A 18 -29.52 9.24 -6.65
N TYR A 19 -28.45 9.94 -7.03
CA TYR A 19 -27.34 9.30 -7.71
C TYR A 19 -26.64 8.31 -6.76
N ARG A 20 -26.51 8.69 -5.47
CA ARG A 20 -25.95 7.81 -4.45
C ARG A 20 -26.96 6.68 -4.15
N ARG A 21 -28.28 6.94 -4.32
CA ARG A 21 -29.29 5.90 -4.12
C ARG A 21 -29.15 4.89 -5.22
N GLN A 22 -29.02 5.36 -6.47
CA GLN A 22 -28.82 4.50 -7.63
C GLN A 22 -27.52 3.74 -7.49
N CYS A 23 -26.48 4.43 -7.04
CA CYS A 23 -25.17 3.84 -6.87
C CYS A 23 -25.24 2.73 -5.82
N GLN A 24 -25.61 3.10 -4.58
CA GLN A 24 -25.66 2.15 -3.48
C GLN A 24 -26.52 0.97 -3.86
N ARG A 25 -27.68 1.22 -4.51
CA ARG A 25 -28.58 0.14 -4.90
C ARG A 25 -27.86 -0.82 -5.83
N SER A 26 -27.19 -0.30 -6.88
CA SER A 26 -26.53 -1.13 -7.88
C SER A 26 -25.28 -1.81 -7.31
N LEU A 27 -24.42 -1.09 -6.60
CA LEU A 27 -23.22 -1.73 -6.07
C LEU A 27 -23.53 -2.71 -4.90
N THR A 28 -24.81 -2.98 -4.66
CA THR A 28 -25.22 -3.96 -3.67
C THR A 28 -26.08 -4.99 -4.35
N GLU A 29 -26.89 -4.58 -5.35
CA GLU A 29 -27.76 -5.50 -6.10
C GLU A 29 -26.96 -6.28 -7.14
N ASP A 30 -25.96 -5.62 -7.76
CA ASP A 30 -25.18 -6.22 -8.84
C ASP A 30 -24.44 -7.48 -8.40
N PRO A 31 -24.36 -8.49 -9.31
CA PRO A 31 -23.70 -9.74 -8.93
C PRO A 31 -22.19 -9.60 -8.93
N PRO A 32 -21.46 -10.41 -8.15
CA PRO A 32 -19.99 -10.36 -8.22
C PRO A 32 -19.51 -10.89 -9.57
N PRO A 33 -18.37 -10.41 -10.09
CA PRO A 33 -17.95 -10.83 -11.44
C PRO A 33 -17.61 -12.31 -11.58
N ALA A 34 -17.35 -13.02 -10.46
CA ALA A 34 -16.93 -14.44 -10.47
C ALA A 34 -15.52 -14.60 -11.14
N THR A 35 -14.74 -13.50 -11.18
CA THR A 35 -13.38 -13.51 -11.73
C THR A 35 -12.37 -13.63 -10.59
N ASP A 36 -12.88 -13.51 -9.33
CA ASP A 36 -12.10 -13.60 -8.10
C ASP A 36 -11.18 -12.38 -7.99
N LEU A 37 -10.20 -12.27 -8.90
CA LEU A 37 -9.30 -11.14 -8.95
C LEU A 37 -9.89 -10.08 -9.89
N PHE A 38 -10.25 -8.94 -9.31
CA PHE A 38 -10.80 -7.76 -9.98
C PHE A 38 -10.52 -6.56 -9.08
N CYS A 39 -11.07 -5.39 -9.44
CA CYS A 39 -10.94 -4.21 -8.59
C CYS A 39 -12.32 -3.75 -8.17
N ASN A 40 -12.54 -3.69 -6.85
CA ASN A 40 -13.80 -3.41 -6.18
C ASN A 40 -14.63 -2.26 -6.81
N ARG A 41 -15.96 -2.40 -6.73
CA ARG A 41 -16.93 -1.39 -7.16
C ARG A 41 -17.08 -0.35 -6.07
N THR A 42 -16.80 0.94 -6.37
CA THR A 42 -16.90 1.96 -5.32
C THR A 42 -17.47 3.28 -5.84
N PHE A 43 -18.07 4.10 -4.92
CA PHE A 43 -18.60 5.44 -5.21
C PHE A 43 -17.57 6.51 -4.84
N ASP A 44 -17.12 7.27 -5.86
CA ASP A 44 -16.10 8.30 -5.74
C ASP A 44 -16.57 9.52 -4.96
N GLU A 45 -17.86 9.55 -4.59
CA GLU A 45 -18.59 10.71 -4.04
C GLU A 45 -18.85 11.69 -5.20
N TYR A 46 -18.52 11.25 -6.44
CA TYR A 46 -18.69 11.98 -7.68
C TYR A 46 -19.36 11.08 -8.67
N ALA A 47 -18.69 10.01 -9.09
CA ALA A 47 -19.24 9.07 -10.06
C ALA A 47 -19.36 7.70 -9.45
N CYS A 48 -20.24 6.90 -10.03
CA CYS A 48 -20.48 5.52 -9.62
C CYS A 48 -19.65 4.56 -10.48
N TRP A 49 -18.79 3.77 -9.82
CA TRP A 49 -17.91 2.89 -10.54
C TRP A 49 -18.24 1.43 -10.30
N PRO A 50 -18.20 0.57 -11.36
CA PRO A 50 -18.46 -0.86 -11.13
C PRO A 50 -17.19 -1.63 -10.81
N ASP A 51 -17.23 -2.97 -10.95
CA ASP A 51 -16.06 -3.81 -10.79
C ASP A 51 -15.31 -3.78 -12.11
N GLY A 52 -14.00 -3.57 -12.04
CA GLY A 52 -13.18 -3.52 -13.25
C GLY A 52 -12.46 -4.81 -13.60
N GLU A 53 -12.49 -5.20 -14.89
CA GLU A 53 -11.74 -6.36 -15.38
C GLU A 53 -10.25 -5.98 -15.37
N PRO A 54 -9.36 -6.78 -14.70
CA PRO A 54 -7.96 -6.39 -14.61
C PRO A 54 -7.34 -6.19 -15.97
N GLY A 55 -6.76 -5.02 -16.16
CA GLY A 55 -6.14 -4.65 -17.42
C GLY A 55 -7.10 -4.02 -18.41
N SER A 56 -8.13 -3.27 -17.91
CA SER A 56 -9.13 -2.62 -18.76
C SER A 56 -9.43 -1.21 -18.31
N PHE A 57 -9.66 -0.32 -19.28
CA PHE A 57 -10.07 1.05 -19.03
C PHE A 57 -11.54 1.04 -18.71
N VAL A 58 -11.89 1.34 -17.47
CA VAL A 58 -13.32 1.37 -17.12
C VAL A 58 -13.89 2.74 -17.52
N ASN A 59 -14.67 2.78 -18.58
CA ASN A 59 -15.29 4.03 -19.01
C ASN A 59 -16.72 4.03 -18.44
N VAL A 60 -17.12 5.13 -17.75
CA VAL A 60 -18.47 5.26 -17.17
C VAL A 60 -19.16 6.53 -17.69
N SER A 61 -20.49 6.48 -17.74
CA SER A 61 -21.28 7.64 -18.16
C SER A 61 -21.22 8.71 -17.08
N CYS A 62 -21.18 9.97 -17.51
CA CYS A 62 -21.04 11.09 -16.58
C CYS A 62 -22.25 11.27 -15.70
N PRO A 63 -22.04 11.64 -14.41
CA PRO A 63 -23.16 11.78 -13.48
C PRO A 63 -24.19 12.77 -13.97
N TRP A 64 -25.46 12.38 -13.84
CA TRP A 64 -26.56 13.19 -14.31
C TRP A 64 -26.95 14.27 -13.32
N TYR A 65 -26.49 14.20 -12.07
CA TYR A 65 -26.83 15.25 -11.10
C TYR A 65 -26.11 16.58 -11.43
N LEU A 66 -24.96 16.49 -12.15
CA LEU A 66 -24.18 17.65 -12.54
C LEU A 66 -25.03 18.65 -13.33
N PRO A 67 -24.81 19.97 -13.18
CA PRO A 67 -25.60 20.92 -13.97
C PRO A 67 -25.31 20.77 -15.46
N TRP A 68 -24.03 20.91 -15.86
CA TRP A 68 -23.59 20.81 -17.24
C TRP A 68 -23.69 19.40 -17.83
N ALA A 69 -24.37 18.46 -17.12
CA ALA A 69 -24.53 17.08 -17.62
C ALA A 69 -25.21 17.05 -18.99
N SER A 70 -26.04 18.05 -19.27
CA SER A 70 -26.73 18.17 -20.54
C SER A 70 -25.72 18.48 -21.66
N SER A 71 -24.76 19.38 -21.40
CA SER A 71 -23.77 19.84 -22.37
C SER A 71 -22.72 18.78 -22.71
N VAL A 72 -22.50 17.80 -21.84
CA VAL A 72 -21.53 16.73 -22.07
C VAL A 72 -22.28 15.39 -22.06
N PRO A 73 -22.96 15.03 -23.17
CA PRO A 73 -23.74 13.79 -23.17
C PRO A 73 -22.88 12.60 -23.47
N GLN A 74 -23.46 11.41 -23.23
CA GLN A 74 -22.80 10.09 -23.34
C GLN A 74 -21.84 9.91 -22.11
N GLY A 75 -20.93 10.86 -21.88
CA GLY A 75 -20.05 10.83 -20.72
C GLY A 75 -18.77 10.07 -20.94
N HIS A 76 -17.66 10.67 -20.51
CA HIS A 76 -16.35 10.06 -20.68
C HIS A 76 -15.47 10.36 -19.46
N VAL A 77 -15.82 9.75 -18.31
CA VAL A 77 -15.03 9.84 -17.09
C VAL A 77 -14.42 8.45 -16.87
N TYR A 78 -13.10 8.38 -16.90
CA TYR A 78 -12.40 7.11 -16.87
C TYR A 78 -11.70 6.78 -15.56
N ARG A 79 -11.22 5.53 -15.46
CA ARG A 79 -10.48 4.93 -14.35
C ARG A 79 -9.85 3.63 -14.94
N PHE A 80 -8.67 3.23 -14.47
CA PHE A 80 -8.04 2.03 -15.02
C PHE A 80 -7.83 0.94 -13.97
N CYS A 81 -8.24 -0.28 -14.30
CA CYS A 81 -8.02 -1.45 -13.45
C CYS A 81 -6.75 -2.12 -13.90
N THR A 82 -5.79 -2.26 -13.00
CA THR A 82 -4.52 -2.86 -13.31
C THR A 82 -4.58 -4.38 -13.24
N ALA A 83 -3.56 -5.05 -13.83
CA ALA A 83 -3.45 -6.50 -13.80
C ALA A 83 -3.39 -7.01 -12.37
N GLU A 84 -2.90 -6.17 -11.44
CA GLU A 84 -2.75 -6.52 -10.02
C GLU A 84 -4.07 -6.61 -9.30
N GLY A 85 -5.11 -6.02 -9.85
CA GLY A 85 -6.40 -5.98 -9.20
C GLY A 85 -6.69 -4.68 -8.46
N LEU A 86 -5.95 -3.61 -8.81
CA LEU A 86 -6.10 -2.30 -8.19
C LEU A 86 -6.51 -1.24 -9.20
N TRP A 87 -7.07 -0.14 -8.71
CA TRP A 87 -7.34 1.00 -9.56
C TRP A 87 -6.06 1.78 -9.66
N LEU A 88 -5.67 2.18 -10.87
CA LEU A 88 -4.45 2.96 -11.13
C LEU A 88 -4.36 4.11 -10.16
N GLN A 89 -3.18 4.29 -9.55
CA GLN A 89 -2.99 5.26 -8.46
C GLN A 89 -2.54 6.65 -8.90
N LYS A 90 -1.37 6.74 -9.57
CA LYS A 90 -0.74 8.03 -9.92
C LYS A 90 -0.12 8.64 -8.66
N ASP A 91 -0.96 8.85 -7.63
CA ASP A 91 -0.55 9.37 -6.32
C ASP A 91 -1.38 8.68 -5.25
N ASN A 92 -0.72 7.82 -4.45
CA ASN A 92 -1.40 6.98 -3.47
C ASN A 92 -1.84 7.75 -2.23
N SER A 93 -1.05 8.75 -1.78
CA SER A 93 -1.46 9.61 -0.66
C SER A 93 -2.80 10.34 -1.00
N SER A 94 -3.20 10.27 -2.28
CA SER A 94 -4.43 10.81 -2.82
C SER A 94 -5.30 9.65 -3.36
N LEU A 95 -6.46 10.02 -3.94
CA LEU A 95 -7.41 9.10 -4.52
C LEU A 95 -6.83 8.46 -5.81
N PRO A 96 -7.44 7.37 -6.31
CA PRO A 96 -6.95 6.73 -7.52
C PRO A 96 -7.24 7.56 -8.75
N TRP A 97 -6.38 7.42 -9.77
CA TRP A 97 -6.46 8.14 -11.04
C TRP A 97 -7.85 8.03 -11.65
N ARG A 98 -8.40 9.19 -12.00
CA ARG A 98 -9.69 9.33 -12.66
C ARG A 98 -9.58 10.44 -13.68
N ASP A 99 -10.24 10.26 -14.81
CA ASP A 99 -10.19 11.26 -15.86
C ASP A 99 -11.54 11.97 -16.01
N LEU A 100 -11.72 13.04 -15.22
CA LEU A 100 -12.91 13.92 -15.31
C LEU A 100 -12.66 15.02 -16.33
N SER A 101 -11.71 14.79 -17.25
CA SER A 101 -11.31 15.79 -18.24
C SER A 101 -12.44 16.13 -19.18
N GLU A 102 -13.05 15.11 -19.77
CA GLU A 102 -14.12 15.28 -20.75
C GLU A 102 -15.41 15.83 -20.11
N CYS A 103 -15.52 15.82 -18.76
CA CYS A 103 -16.71 16.30 -18.06
C CYS A 103 -16.39 17.46 -17.14
N GLU A 104 -16.27 18.65 -17.72
CA GLU A 104 -16.02 19.91 -17.02
C GLU A 104 -16.73 21.06 -17.75
N GLU A 105 -16.92 22.21 -17.08
CA GLU A 105 -17.58 23.42 -17.58
C GLU A 105 -17.77 23.45 -19.13
N SER A 112 -21.22 28.30 -13.15
CA SER A 112 -22.56 27.72 -13.20
C SER A 112 -23.41 28.27 -12.08
N SER A 113 -24.74 28.17 -12.23
CA SER A 113 -25.69 28.72 -11.26
C SER A 113 -25.65 28.02 -9.88
N PRO A 114 -25.62 26.66 -9.77
CA PRO A 114 -25.64 26.05 -8.42
C PRO A 114 -24.35 26.30 -7.65
N GLU A 115 -23.19 26.35 -8.34
CA GLU A 115 -21.91 26.63 -7.67
C GLU A 115 -21.75 28.12 -7.39
N GLU A 116 -22.56 28.96 -8.06
CA GLU A 116 -22.63 30.41 -7.79
C GLU A 116 -23.30 30.59 -6.43
N GLN A 117 -24.33 29.77 -6.16
CA GLN A 117 -25.04 29.79 -4.88
C GLN A 117 -24.22 29.04 -3.82
N LEU A 118 -23.40 28.04 -4.24
CA LEU A 118 -22.56 27.28 -3.31
C LEU A 118 -21.48 28.20 -2.76
N LEU A 119 -20.74 28.90 -3.65
CA LEU A 119 -19.70 29.84 -3.23
C LEU A 119 -20.29 30.92 -2.33
N PHE A 120 -21.48 31.41 -2.69
CA PHE A 120 -22.18 32.42 -1.90
C PHE A 120 -22.51 31.88 -0.48
N LEU A 121 -22.97 30.63 -0.40
CA LEU A 121 -23.29 30.00 0.88
C LEU A 121 -22.06 29.85 1.73
N TYR A 122 -20.92 29.55 1.10
CA TYR A 122 -19.66 29.41 1.82
C TYR A 122 -19.12 30.77 2.23
N ILE A 123 -19.38 31.79 1.41
CA ILE A 123 -18.89 33.14 1.70
C ILE A 123 -19.60 33.72 2.92
N ILE A 124 -20.92 33.54 3.01
CA ILE A 124 -21.66 34.05 4.16
C ILE A 124 -21.37 33.17 5.40
N TYR A 125 -20.89 31.94 5.18
CA TYR A 125 -20.55 31.00 6.24
C TYR A 125 -19.23 31.41 6.89
N THR A 126 -18.21 31.69 6.08
CA THR A 126 -16.89 32.05 6.61
C THR A 126 -16.88 33.49 7.13
N VAL A 127 -17.55 34.41 6.44
CA VAL A 127 -17.59 35.79 6.95
C VAL A 127 -18.47 35.84 8.21
N GLY A 128 -19.49 34.98 8.27
CA GLY A 128 -20.35 34.87 9.43
C GLY A 128 -19.61 34.30 10.61
N TYR A 129 -18.60 33.48 10.34
CA TYR A 129 -17.76 32.90 11.38
C TYR A 129 -16.62 33.86 11.77
N ALA A 130 -16.05 34.56 10.79
CA ALA A 130 -15.00 35.55 11.05
C ALA A 130 -15.59 36.71 11.84
N LEU A 131 -16.83 37.11 11.48
CA LEU A 131 -17.56 38.16 12.17
C LEU A 131 -17.82 37.75 13.63
N SER A 132 -18.30 36.52 13.84
CA SER A 132 -18.65 36.03 15.17
C SER A 132 -17.42 35.90 16.05
N PHE A 133 -16.39 35.17 15.58
CA PHE A 133 -15.18 34.96 16.34
C PHE A 133 -14.56 36.28 16.79
N SER A 134 -14.44 37.24 15.87
CA SER A 134 -13.90 38.56 16.20
C SER A 134 -14.74 39.21 17.28
N ALA A 135 -16.09 39.22 17.10
CA ALA A 135 -16.99 39.80 18.08
C ALA A 135 -16.86 39.10 19.44
N LEU A 136 -16.73 37.76 19.43
CA LEU A 136 -16.63 36.97 20.64
C LEU A 136 -15.27 37.18 21.34
N VAL A 137 -14.18 37.25 20.57
CA VAL A 137 -12.84 37.41 21.14
C VAL A 137 -12.72 38.80 21.75
N ILE A 138 -13.23 39.81 21.05
CA ILE A 138 -13.23 41.17 21.58
C ILE A 138 -14.22 41.25 22.75
N ALA A 139 -15.32 40.50 22.68
CA ALA A 139 -16.30 40.49 23.77
C ALA A 139 -15.69 39.88 25.03
N SER A 140 -15.04 38.71 24.89
CA SER A 140 -14.38 38.06 26.01
C SER A 140 -13.21 38.91 26.52
N ALA A 141 -12.63 39.76 25.65
CA ALA A 141 -11.57 40.67 26.06
C ALA A 141 -12.17 41.82 26.86
N ILE A 142 -13.44 42.16 26.62
CA ILE A 142 -14.12 43.23 27.36
C ILE A 142 -14.35 42.80 28.81
N LEU A 143 -14.79 41.56 29.02
CA LEU A 143 -15.07 41.08 30.36
C LEU A 143 -13.81 40.76 31.15
N LEU A 144 -12.72 40.36 30.45
CA LEU A 144 -11.47 40.02 31.14
C LEU A 144 -10.56 41.24 31.31
N GLY A 145 -10.59 42.17 30.36
CA GLY A 145 -9.78 43.37 30.43
C GLY A 145 -10.19 44.30 31.55
N PHE A 146 -11.50 44.61 31.62
CA PHE A 146 -12.06 45.47 32.65
C PHE A 146 -12.21 44.73 33.96
N ARG A 147 -11.57 45.26 35.02
CA ARG A 147 -11.62 44.64 36.35
C ARG A 147 -13.01 44.74 36.95
N HIS A 148 -13.74 45.83 36.63
CA HIS A 148 -15.08 46.09 37.13
C HIS A 148 -16.09 45.00 36.75
N LEU A 149 -15.67 44.01 35.96
CA LEU A 149 -16.54 42.95 35.48
C LEU A 149 -16.13 41.56 35.94
N HIS A 150 -15.10 41.44 36.78
CA HIS A 150 -14.64 40.13 37.27
C HIS A 150 -15.62 39.60 38.33
N CYS A 151 -16.76 39.08 37.85
CA CYS A 151 -17.79 38.58 38.74
C CYS A 151 -18.28 37.22 38.29
N THR A 152 -18.93 36.54 39.23
CA THR A 152 -19.49 35.19 39.12
C THR A 152 -20.28 35.03 37.81
N ARG A 153 -21.13 36.02 37.49
CA ARG A 153 -22.00 35.99 36.31
C ARG A 153 -21.20 35.95 35.02
N ASN A 154 -20.32 36.94 34.83
CA ASN A 154 -19.55 37.05 33.60
C ASN A 154 -18.62 35.87 33.36
N TYR A 155 -18.15 35.23 34.44
CA TYR A 155 -17.27 34.08 34.28
C TYR A 155 -17.93 32.98 33.46
N ILE A 156 -19.21 32.73 33.72
CA ILE A 156 -19.96 31.71 33.00
C ILE A 156 -20.07 32.10 31.51
N HIS A 157 -20.26 33.39 31.23
CA HIS A 157 -20.34 33.88 29.87
C HIS A 157 -19.03 33.61 29.14
N LEU A 158 -17.91 33.97 29.77
CA LEU A 158 -16.59 33.77 29.17
C LEU A 158 -16.36 32.33 28.77
N ASN A 159 -16.93 31.38 29.50
CA ASN A 159 -16.80 29.97 29.18
C ASN A 159 -17.70 29.61 28.00
N LEU A 160 -18.88 30.21 27.95
CA LEU A 160 -19.78 30.01 26.82
C LEU A 160 -19.19 30.67 25.60
N PHE A 161 -18.46 31.77 25.79
CA PHE A 161 -17.73 32.40 24.70
C PHE A 161 -16.68 31.43 24.19
N ALA A 162 -15.91 30.85 25.11
CA ALA A 162 -14.79 29.96 24.79
C ALA A 162 -15.20 28.80 23.87
N SER A 163 -16.31 28.12 24.22
CA SER A 163 -16.76 26.98 23.44
C SER A 163 -17.10 27.38 22.00
N PHE A 164 -17.65 28.60 21.82
CA PHE A 164 -17.95 29.11 20.49
C PHE A 164 -16.69 29.57 19.78
N ILE A 165 -15.77 30.19 20.54
CA ILE A 165 -14.50 30.68 20.01
C ILE A 165 -13.67 29.50 19.49
N LEU A 166 -13.63 28.38 20.25
CA LEU A 166 -12.91 27.19 19.82
C LEU A 166 -13.59 26.58 18.60
N ARG A 167 -14.94 26.61 18.59
CA ARG A 167 -15.71 26.11 17.44
C ARG A 167 -15.45 26.95 16.18
N ALA A 168 -15.23 28.26 16.36
CA ALA A 168 -14.98 29.17 15.24
C ALA A 168 -13.54 29.06 14.72
N LEU A 169 -12.61 28.73 15.60
CA LEU A 169 -11.23 28.48 15.17
C LEU A 169 -11.09 26.99 14.76
N CYS A 170 -12.14 26.19 15.02
CA CYS A 170 -12.17 24.79 14.60
C CYS A 170 -12.50 24.75 13.11
N VAL A 171 -13.47 25.59 12.69
CA VAL A 171 -13.82 25.73 11.29
C VAL A 171 -12.69 26.47 10.57
N PHE A 172 -11.92 27.30 11.32
CA PHE A 172 -10.79 28.04 10.76
C PHE A 172 -9.60 27.10 10.51
N PHE A 173 -9.55 25.96 11.20
CA PHE A 173 -8.50 24.97 10.99
C PHE A 173 -8.88 24.04 9.83
N LYS A 174 -10.16 23.63 9.74
CA LYS A 174 -10.65 22.77 8.66
C LYS A 174 -10.54 23.48 7.33
N ASP A 175 -10.91 24.78 7.28
CA ASP A 175 -10.79 25.58 6.06
C ASP A 175 -9.32 25.72 5.66
N ALA A 176 -8.43 25.77 6.65
CA ALA A 176 -7.01 25.86 6.36
C ALA A 176 -6.55 24.58 5.65
N ALA A 177 -7.03 23.39 6.08
CA ALA A 177 -6.69 22.12 5.43
C ALA A 177 -7.29 22.04 4.03
N LEU A 178 -8.46 22.70 3.84
CA LEU A 178 -9.14 22.78 2.55
C LEU A 178 -8.30 23.64 1.60
N LYS A 179 -7.82 24.81 2.08
CA LYS A 179 -6.95 25.69 1.30
C LYS A 179 -5.54 25.11 1.19
N TRP A 180 -5.13 24.29 2.17
CA TRP A 180 -3.82 23.65 2.22
C TRP A 180 -3.64 22.68 1.04
N MET A 181 -4.54 21.69 0.92
CA MET A 181 -4.45 20.67 -0.11
C MET A 181 -4.77 21.21 -1.52
N TYR A 182 -5.63 22.23 -1.62
CA TYR A 182 -6.03 22.79 -2.93
C TYR A 182 -4.90 23.63 -3.58
N SER A 183 -3.96 24.17 -2.77
CA SER A 183 -2.85 24.98 -3.27
C SER A 183 -1.70 24.13 -3.83
N THR A 184 -1.93 22.81 -4.02
CA THR A 184 -0.92 21.90 -4.59
C THR A 184 -0.59 22.29 -6.02
N ALA A 185 -1.61 22.60 -6.85
CA ALA A 185 -1.48 23.03 -8.24
C ALA A 185 -2.82 23.58 -8.73
N ALA A 186 -3.13 23.42 -10.03
CA ALA A 186 -4.40 23.86 -10.60
C ALA A 186 -4.97 22.79 -11.52
N GLN A 187 -6.03 22.09 -11.06
CA GLN A 187 -6.70 21.04 -11.82
C GLN A 187 -8.10 20.79 -11.28
N GLN A 188 -9.05 20.51 -12.18
CA GLN A 188 -10.44 20.22 -11.82
C GLN A 188 -10.53 18.92 -11.01
N HIS A 189 -9.83 17.85 -11.47
CA HIS A 189 -9.77 16.57 -10.78
C HIS A 189 -9.05 16.73 -9.44
N GLN A 190 -7.94 17.49 -9.43
CA GLN A 190 -7.19 17.75 -8.20
C GLN A 190 -8.07 18.48 -7.19
N TRP A 191 -8.85 19.50 -7.62
CA TRP A 191 -9.77 20.20 -6.72
C TRP A 191 -10.58 19.16 -5.94
N ASP A 192 -11.15 18.18 -6.64
CA ASP A 192 -11.92 17.11 -6.01
C ASP A 192 -11.02 16.19 -5.18
N GLY A 193 -9.81 15.92 -5.67
CA GLY A 193 -8.84 15.07 -4.98
C GLY A 193 -8.34 15.66 -3.68
N LEU A 194 -8.05 17.00 -3.66
CA LEU A 194 -7.59 17.71 -2.48
C LEU A 194 -8.60 17.56 -1.35
N LEU A 195 -9.91 17.49 -1.68
CA LEU A 195 -10.95 17.28 -0.68
C LEU A 195 -10.80 15.90 -0.01
N SER A 196 -10.44 14.88 -0.78
CA SER A 196 -10.31 13.51 -0.28
C SER A 196 -9.10 13.35 0.64
N TYR A 197 -7.91 13.78 0.17
CA TYR A 197 -6.67 13.67 0.94
C TYR A 197 -6.81 14.35 2.32
N GLN A 198 -7.63 15.42 2.41
CA GLN A 198 -7.91 16.12 3.67
C GLN A 198 -9.06 15.45 4.43
N ASP A 199 -9.93 14.70 3.71
CA ASP A 199 -11.06 13.98 4.31
C ASP A 199 -10.59 12.76 5.07
N SER A 200 -9.30 12.41 4.98
CA SER A 200 -8.75 11.23 5.67
C SER A 200 -7.87 11.61 6.86
N LEU A 201 -7.08 12.68 6.74
CA LEU A 201 -6.13 13.03 7.77
C LEU A 201 -6.55 14.22 8.62
N ALA A 202 -6.49 15.44 8.06
CA ALA A 202 -6.80 16.65 8.82
C ALA A 202 -8.18 16.59 9.49
N CYS A 203 -9.15 15.97 8.79
CA CYS A 203 -10.52 15.83 9.23
C CYS A 203 -10.63 14.99 10.49
N ARG A 204 -9.70 14.06 10.70
CA ARG A 204 -9.73 13.14 11.81
C ARG A 204 -9.94 13.84 13.18
N LEU A 205 -8.98 14.68 13.59
CA LEU A 205 -8.97 15.27 14.94
C LEU A 205 -9.78 16.55 15.09
N VAL A 206 -9.96 17.31 14.00
CA VAL A 206 -10.66 18.59 14.08
C VAL A 206 -12.15 18.35 14.29
N PHE A 207 -12.75 17.51 13.45
CA PHE A 207 -14.18 17.19 13.53
C PHE A 207 -14.54 16.61 14.93
N LEU A 208 -13.57 16.00 15.59
CA LEU A 208 -13.78 15.49 16.94
C LEU A 208 -13.92 16.65 17.92
N LEU A 209 -12.95 17.56 17.92
CA LEU A 209 -12.99 18.73 18.80
C LEU A 209 -14.22 19.61 18.49
N CYS A 210 -14.62 19.67 17.20
CA CYS A 210 -15.79 20.41 16.76
C CYS A 210 -17.03 19.84 17.44
N GLN A 211 -17.13 18.50 17.45
CA GLN A 211 -18.26 17.82 18.07
C GLN A 211 -18.29 18.07 19.58
N TYR A 212 -17.11 18.23 20.19
CA TYR A 212 -17.01 18.57 21.60
C TYR A 212 -17.43 20.03 21.83
N CYS A 213 -16.97 20.93 20.95
CA CYS A 213 -17.33 22.34 21.04
C CYS A 213 -18.83 22.51 21.02
N VAL A 214 -19.49 21.89 20.04
CA VAL A 214 -20.95 21.98 19.91
C VAL A 214 -21.63 21.48 21.19
N ALA A 215 -21.14 20.34 21.70
CA ALA A 215 -21.65 19.78 22.93
C ALA A 215 -21.45 20.78 24.08
N ALA A 216 -20.33 21.55 24.07
CA ALA A 216 -20.04 22.54 25.10
C ALA A 216 -20.93 23.77 24.99
N ASN A 217 -21.27 24.20 23.76
CA ASN A 217 -22.21 25.32 23.54
C ASN A 217 -23.52 25.04 24.25
N TYR A 218 -24.13 23.90 23.94
CA TYR A 218 -25.43 23.53 24.48
C TYR A 218 -25.40 23.32 25.99
N TYR A 219 -24.28 22.85 26.54
CA TYR A 219 -24.18 22.58 27.97
C TYR A 219 -23.76 23.81 28.80
N TRP A 220 -23.07 24.77 28.18
CA TRP A 220 -22.79 26.02 28.86
C TRP A 220 -24.03 26.89 28.76
N LEU A 221 -24.89 26.62 27.74
CA LEU A 221 -26.20 27.25 27.65
C LEU A 221 -27.05 26.74 28.83
N LEU A 222 -26.88 25.45 29.18
CA LEU A 222 -27.62 24.87 30.29
C LEU A 222 -27.29 25.57 31.60
N VAL A 223 -25.99 25.70 31.91
CA VAL A 223 -25.57 26.32 33.17
C VAL A 223 -25.91 27.79 33.15
N GLU A 224 -25.97 28.41 31.95
CA GLU A 224 -26.37 29.81 31.85
C GLU A 224 -27.81 29.95 32.31
N GLY A 225 -28.64 29.03 31.85
CA GLY A 225 -30.04 29.00 32.24
C GLY A 225 -30.21 28.60 33.70
N VAL A 226 -29.33 27.71 34.17
CA VAL A 226 -29.38 27.26 35.55
C VAL A 226 -28.97 28.40 36.47
N TYR A 227 -27.88 29.10 36.11
CA TYR A 227 -27.43 30.25 36.88
C TYR A 227 -28.52 31.33 36.92
N LEU A 228 -29.26 31.48 35.80
CA LEU A 228 -30.37 32.43 35.76
C LEU A 228 -31.49 31.97 36.67
N TYR A 229 -31.69 30.63 36.82
CA TYR A 229 -32.70 30.13 37.71
C TYR A 229 -32.29 30.38 39.16
N THR A 230 -31.01 30.12 39.48
CA THR A 230 -30.49 30.33 40.83
C THR A 230 -30.51 31.81 41.20
N LEU A 231 -30.26 32.69 40.20
CA LEU A 231 -30.26 34.13 40.41
C LEU A 231 -31.66 34.66 40.66
N LEU A 232 -32.69 33.85 40.38
CA LEU A 232 -34.08 34.24 40.58
C LEU A 232 -34.72 33.50 41.75
N ALA A 233 -34.33 32.25 41.99
CA ALA A 233 -34.87 31.46 43.10
C ALA A 233 -34.30 31.91 44.45
N PHE A 234 -33.21 32.71 44.46
CA PHE A 234 -32.61 33.27 45.68
C PHE A 234 -33.55 34.31 46.35
N MET A 238 -34.01 32.94 54.18
CA MET A 238 -33.37 34.25 53.97
C MET A 238 -32.19 34.16 53.01
N LYS A 239 -31.98 35.19 52.13
CA LYS A 239 -30.89 35.19 51.14
C LYS A 239 -29.83 36.23 51.47
N LYS A 240 -28.56 35.80 51.39
CA LYS A 240 -27.36 36.58 51.70
C LYS A 240 -26.51 36.83 50.47
N TYR A 241 -25.53 37.72 50.61
CA TYR A 241 -24.66 38.15 49.54
C TYR A 241 -23.22 38.24 49.98
N THR A 242 -22.32 38.56 49.06
CA THR A 242 -20.89 38.69 49.33
C THR A 242 -20.26 39.80 48.49
N CYS A 243 -18.97 39.67 48.22
CA CYS A 243 -18.22 40.65 47.46
C CYS A 243 -17.19 39.95 46.56
N THR A 244 -16.81 40.57 45.42
CA THR A 244 -15.85 40.00 44.46
C THR A 244 -14.43 40.62 44.61
N VAL A 245 -14.32 41.86 45.12
CA VAL A 245 -13.03 42.51 45.20
C VAL A 245 -12.22 41.94 46.37
N CYS A 246 -12.60 42.30 47.61
CA CYS A 246 -11.94 41.84 48.83
C CYS A 246 -12.60 40.56 49.37
N GLY A 247 -13.86 40.32 48.99
CA GLY A 247 -14.61 39.14 49.44
C GLY A 247 -15.35 39.32 50.75
N TYR A 248 -15.76 40.56 51.12
CA TYR A 248 -16.54 40.82 52.34
C TYR A 248 -17.92 40.19 52.20
N ILE A 249 -18.38 39.53 53.27
CA ILE A 249 -19.68 38.88 53.26
C ILE A 249 -20.69 39.78 53.96
N TYR A 250 -21.67 40.28 53.19
CA TYR A 250 -22.70 41.12 53.75
C TYR A 250 -23.80 40.27 54.34
N ASN A 251 -23.79 40.12 55.68
CA ASN A 251 -24.84 39.38 56.36
C ASN A 251 -26.10 40.24 56.38
N PRO A 252 -27.18 39.87 55.67
CA PRO A 252 -28.38 40.69 55.71
C PRO A 252 -29.07 40.63 57.08
N GLU A 253 -29.07 39.44 57.71
CA GLU A 253 -29.65 39.26 59.03
C GLU A 253 -28.93 40.19 60.06
N ASP A 254 -27.66 40.55 59.81
CA ASP A 254 -26.87 41.47 60.61
C ASP A 254 -26.91 42.91 60.04
N GLY A 255 -27.14 43.06 58.73
CA GLY A 255 -27.20 44.36 58.07
C GLY A 255 -25.90 45.14 58.15
N ASP A 256 -26.00 46.48 58.17
CA ASP A 256 -24.84 47.37 58.30
C ASP A 256 -25.29 48.76 58.81
N PRO A 257 -25.75 48.86 60.07
CA PRO A 257 -26.24 50.16 60.56
C PRO A 257 -25.12 51.15 60.90
N ASP A 258 -23.90 50.63 61.13
CA ASP A 258 -22.69 51.43 61.37
C ASP A 258 -22.45 52.40 60.20
N ASN A 259 -23.15 52.18 59.06
CA ASN A 259 -23.07 53.03 57.88
C ASN A 259 -24.47 53.48 57.40
N GLY A 260 -25.55 52.98 58.03
CA GLY A 260 -26.90 53.44 57.71
C GLY A 260 -27.87 52.46 57.11
N VAL A 261 -27.77 51.18 57.46
CA VAL A 261 -28.68 50.14 56.95
C VAL A 261 -29.04 49.23 58.13
N ASN A 262 -30.29 49.27 58.55
CA ASN A 262 -30.76 48.49 59.69
C ASN A 262 -30.62 46.97 59.48
N PRO A 263 -30.47 46.18 60.58
CA PRO A 263 -30.35 44.73 60.43
C PRO A 263 -31.64 44.11 59.94
N GLY A 264 -31.52 43.26 58.92
CA GLY A 264 -32.66 42.58 58.30
C GLY A 264 -33.06 43.21 56.99
N THR A 265 -32.07 43.63 56.19
CA THR A 265 -32.28 44.27 54.90
C THR A 265 -31.50 43.55 53.80
N ASP A 266 -32.19 43.20 52.70
CA ASP A 266 -31.56 42.51 51.57
C ASP A 266 -30.74 43.49 50.75
N PHE A 267 -29.72 42.97 50.03
CA PHE A 267 -28.89 43.79 49.14
C PHE A 267 -29.76 44.55 48.13
N LYS A 268 -30.89 43.91 47.71
CA LYS A 268 -31.84 44.50 46.78
C LYS A 268 -32.46 45.79 47.33
N ASP A 269 -32.41 45.97 48.67
CA ASP A 269 -32.98 47.14 49.33
C ASP A 269 -31.90 48.09 49.89
N ILE A 270 -30.62 47.81 49.61
CA ILE A 270 -29.53 48.70 49.98
C ILE A 270 -29.46 49.76 48.89
N PRO A 271 -29.30 51.06 49.23
CA PRO A 271 -29.25 52.08 48.15
C PRO A 271 -28.02 51.90 47.25
N ASP A 272 -28.11 52.38 46.00
CA ASP A 272 -27.00 52.33 45.05
C ASP A 272 -25.80 53.15 45.55
N ASP A 273 -26.05 54.19 46.39
CA ASP A 273 -25.01 55.04 46.99
C ASP A 273 -24.36 54.31 48.16
N TRP A 274 -23.79 53.13 47.88
CA TRP A 274 -23.17 52.30 48.89
C TRP A 274 -21.88 51.67 48.38
N VAL A 275 -20.91 51.53 49.29
CA VAL A 275 -19.60 50.93 49.02
C VAL A 275 -19.27 49.90 50.10
N CYS A 276 -18.40 48.94 49.75
CA CYS A 276 -18.00 47.88 50.65
C CYS A 276 -17.22 48.48 51.82
N PRO A 277 -17.53 48.10 53.07
CA PRO A 277 -16.83 48.70 54.21
C PRO A 277 -15.35 48.29 54.34
N LEU A 278 -14.94 47.18 53.70
CA LEU A 278 -13.56 46.71 53.84
C LEU A 278 -12.63 47.31 52.79
N CYS A 279 -12.96 47.15 51.49
CA CYS A 279 -12.13 47.64 50.39
C CYS A 279 -12.53 49.05 49.97
N GLY A 280 -13.80 49.25 49.67
CA GLY A 280 -14.33 50.55 49.28
C GLY A 280 -14.88 50.61 47.88
N VAL A 281 -14.99 49.46 47.22
CA VAL A 281 -15.53 49.40 45.86
C VAL A 281 -17.06 49.48 45.93
N GLY A 282 -17.66 49.89 44.81
CA GLY A 282 -19.10 50.11 44.73
C GLY A 282 -19.95 48.90 45.05
N LYS A 283 -21.24 49.18 45.31
CA LYS A 283 -22.23 48.14 45.55
C LYS A 283 -22.49 47.32 44.26
N ASP A 284 -22.20 47.89 43.06
CA ASP A 284 -22.37 47.22 41.77
C ASP A 284 -21.39 46.03 41.61
N GLN A 285 -20.41 45.88 42.54
CA GLN A 285 -19.42 44.80 42.54
C GLN A 285 -19.72 43.71 43.59
N PHE A 286 -21.01 43.53 43.94
CA PHE A 286 -21.42 42.47 44.88
C PHE A 286 -21.25 41.10 44.23
N GLU A 287 -20.75 40.12 45.00
CA GLU A 287 -20.45 38.77 44.51
C GLU A 287 -21.59 37.78 44.48
N GLU A 288 -22.84 38.31 44.39
CA GLU A 288 -24.05 37.50 44.37
C GLU A 288 -24.16 36.76 45.70
N VAL A 289 -24.93 35.67 45.75
CA VAL A 289 -25.03 34.84 46.94
C VAL A 289 -23.65 34.25 47.20
N GLU A 290 -23.21 34.29 48.48
CA GLU A 290 -21.91 33.76 48.86
C GLU A 290 -21.66 32.32 48.25
N GLU A 291 -22.73 31.60 47.85
CA GLU A 291 -22.65 30.25 47.30
C GLU A 291 -22.28 30.23 45.83
N GLU A 292 -22.36 31.38 45.17
CA GLU A 292 -22.05 31.48 43.74
C GLU A 292 -20.58 31.06 43.45
N GLN A 293 -19.69 31.33 44.42
CA GLN A 293 -18.27 31.04 44.25
C GLN A 293 -18.02 29.58 43.94
N TRP A 294 -18.37 28.69 44.87
CA TRP A 294 -18.12 27.27 44.74
C TRP A 294 -19.03 26.59 43.70
N ILE A 295 -20.26 27.09 43.55
CA ILE A 295 -21.18 26.49 42.60
C ILE A 295 -20.69 26.67 41.14
N PHE A 296 -19.76 27.61 40.92
CA PHE A 296 -19.20 27.80 39.60
C PHE A 296 -18.35 26.60 39.19
N ARG A 297 -17.63 25.99 40.16
CA ARG A 297 -16.84 24.77 39.92
C ARG A 297 -17.76 23.69 39.29
N LEU A 298 -18.99 23.57 39.83
CA LEU A 298 -20.00 22.67 39.29
C LEU A 298 -20.41 23.13 37.91
N TYR A 299 -20.60 24.44 37.73
CA TYR A 299 -20.99 24.96 36.41
C TYR A 299 -19.94 24.58 35.35
N VAL A 300 -18.66 24.60 35.75
CA VAL A 300 -17.58 24.18 34.85
C VAL A 300 -17.66 22.68 34.65
N ALA A 301 -17.93 21.95 35.76
CA ALA A 301 -18.08 20.50 35.72
C ALA A 301 -19.24 20.07 34.85
N ILE A 302 -20.26 20.93 34.69
CA ILE A 302 -21.41 20.61 33.86
C ILE A 302 -21.18 21.10 32.43
N GLY A 303 -20.53 22.25 32.29
CA GLY A 303 -20.28 22.88 31.00
C GLY A 303 -19.24 22.18 30.15
N TRP A 304 -18.18 21.67 30.77
CA TRP A 304 -17.12 20.95 30.07
C TRP A 304 -17.11 19.45 30.40
N GLY A 305 -17.43 19.11 31.64
CA GLY A 305 -17.40 17.73 32.10
C GLY A 305 -18.37 16.81 31.37
N VAL A 306 -19.63 17.20 31.36
CA VAL A 306 -20.66 16.39 30.74
C VAL A 306 -20.36 16.20 29.23
N PRO A 307 -20.05 17.27 28.46
CA PRO A 307 -19.71 17.07 27.04
C PRO A 307 -18.60 16.01 26.82
N LEU A 308 -17.57 16.00 27.68
CA LEU A 308 -16.56 14.95 27.58
C LEU A 308 -17.19 13.57 27.82
N LEU A 309 -18.12 13.49 28.79
CA LEU A 309 -18.78 12.23 29.15
C LEU A 309 -19.56 11.58 28.01
N PHE A 310 -19.75 12.27 26.88
CA PHE A 310 -20.42 11.62 25.77
C PHE A 310 -19.73 11.88 24.43
N VAL A 311 -18.76 12.80 24.37
CA VAL A 311 -18.07 13.03 23.10
C VAL A 311 -16.91 12.02 22.94
N VAL A 312 -16.21 11.70 24.01
CA VAL A 312 -15.10 10.74 23.91
C VAL A 312 -15.69 9.34 23.78
N PRO A 313 -16.79 8.94 24.49
CA PRO A 313 -17.38 7.62 24.23
C PRO A 313 -17.71 7.46 22.76
N TRP A 314 -18.27 8.52 22.15
CA TRP A 314 -18.63 8.49 20.74
C TRP A 314 -17.37 8.38 19.87
N GLY A 315 -16.40 9.24 20.12
CA GLY A 315 -15.17 9.21 19.36
C GLY A 315 -14.44 7.87 19.46
N ILE A 316 -14.51 7.25 20.65
CA ILE A 316 -13.86 5.98 20.92
C ILE A 316 -14.47 4.90 20.02
N VAL A 317 -15.80 4.79 20.00
CA VAL A 317 -16.46 3.75 19.22
C VAL A 317 -16.42 4.09 17.74
N LYS A 318 -16.32 5.40 17.43
CA LYS A 318 -16.19 5.86 16.04
C LYS A 318 -14.73 5.68 15.56
N TYR A 319 -13.95 4.89 16.29
CA TYR A 319 -12.55 4.60 16.00
C TYR A 319 -12.30 3.10 16.15
N LEU A 320 -13.01 2.47 17.06
CA LEU A 320 -12.94 1.03 17.31
C LEU A 320 -13.89 0.28 16.41
N TYR A 321 -14.81 0.98 15.76
CA TYR A 321 -15.84 0.30 14.97
C TYR A 321 -16.02 0.86 13.56
N GLU A 322 -16.00 2.18 13.38
CA GLU A 322 -16.19 2.77 12.07
C GLU A 322 -15.46 4.10 11.99
N ASP A 323 -14.18 4.07 11.61
CA ASP A 323 -13.37 5.29 11.47
C ASP A 323 -13.02 5.60 10.01
N GLU A 324 -13.79 5.01 9.09
CA GLU A 324 -13.65 5.23 7.66
C GLU A 324 -14.40 6.49 7.24
N GLY A 325 -13.74 7.30 6.42
CA GLY A 325 -14.28 8.55 5.88
C GLY A 325 -14.56 9.63 6.90
N CYS A 326 -13.55 9.91 7.76
CA CYS A 326 -13.60 10.93 8.81
C CYS A 326 -14.80 10.71 9.75
N TRP A 327 -15.15 9.43 9.99
CA TRP A 327 -16.23 9.04 10.90
C TRP A 327 -17.54 9.74 10.52
N THR A 328 -17.66 10.26 9.27
CA THR A 328 -18.84 10.97 8.77
C THR A 328 -19.92 9.98 8.34
N ARG A 329 -19.53 8.86 7.71
CA ARG A 329 -20.48 7.85 7.28
C ARG A 329 -21.07 7.10 8.50
N ASN A 330 -22.35 7.34 8.82
CA ASN A 330 -23.06 6.69 9.92
C ASN A 330 -24.23 5.85 9.39
N SER A 331 -23.95 5.03 8.37
CA SER A 331 -24.96 4.23 7.69
C SER A 331 -25.20 2.87 8.33
N ASN A 332 -24.12 2.17 8.71
CA ASN A 332 -24.24 0.82 9.27
C ASN A 332 -25.08 0.80 10.55
N MET A 333 -24.72 1.65 11.51
CA MET A 333 -25.45 1.71 12.76
C MET A 333 -25.54 3.12 13.25
N ASN A 334 -26.60 3.41 14.00
CA ASN A 334 -26.85 4.72 14.58
C ASN A 334 -26.14 4.84 15.92
N TYR A 335 -24.82 5.02 15.85
CA TYR A 335 -23.96 5.25 17.01
C TYR A 335 -23.89 6.75 17.33
N TRP A 336 -24.45 7.61 16.44
CA TRP A 336 -24.42 9.05 16.64
C TRP A 336 -25.39 9.50 17.75
N LEU A 337 -26.21 8.58 18.27
CA LEU A 337 -27.12 8.88 19.38
C LEU A 337 -26.32 9.24 20.65
N ILE A 338 -25.04 8.78 20.73
CA ILE A 338 -24.11 9.09 21.82
C ILE A 338 -23.88 10.62 21.90
N ILE A 339 -24.18 11.36 20.85
CA ILE A 339 -24.01 12.79 20.89
C ILE A 339 -25.38 13.48 20.76
N ARG A 340 -26.32 12.86 20.05
CA ARG A 340 -27.65 13.47 19.82
C ARG A 340 -28.51 13.45 21.08
N LEU A 341 -28.63 12.29 21.73
CA LEU A 341 -29.48 12.15 22.91
C LEU A 341 -29.06 13.06 24.07
N PRO A 342 -27.76 13.15 24.43
CA PRO A 342 -27.37 14.07 25.52
C PRO A 342 -27.63 15.54 25.14
N ILE A 343 -27.39 15.90 23.85
CA ILE A 343 -27.64 17.26 23.38
C ILE A 343 -29.16 17.51 23.36
N LEU A 344 -29.93 16.47 23.07
CA LEU A 344 -31.37 16.58 23.10
C LEU A 344 -31.83 16.75 24.55
N PHE A 345 -31.22 15.98 25.48
CA PHE A 345 -31.52 16.08 26.91
C PHE A 345 -31.28 17.51 27.38
N ALA A 346 -30.11 18.08 27.00
CA ALA A 346 -29.80 19.47 27.35
C ALA A 346 -30.88 20.43 26.83
N CYS A 347 -31.36 20.19 25.62
CA CYS A 347 -32.35 21.02 24.97
C CYS A 347 -33.71 20.98 25.69
N ILE A 348 -34.14 19.79 26.10
CA ILE A 348 -35.41 19.65 26.79
C ILE A 348 -35.38 20.43 28.12
N VAL A 349 -34.29 20.31 28.88
CA VAL A 349 -34.23 21.04 30.16
C VAL A 349 -33.92 22.51 29.97
N ASN A 350 -33.28 22.86 28.84
CA ASN A 350 -33.01 24.26 28.56
C ASN A 350 -34.32 24.98 28.26
N PHE A 351 -35.26 24.27 27.62
CA PHE A 351 -36.58 24.81 27.34
C PHE A 351 -37.44 24.76 28.58
N LEU A 352 -37.22 23.77 29.46
CA LEU A 352 -37.96 23.67 30.72
C LEU A 352 -37.53 24.80 31.67
N ILE A 353 -36.24 25.19 31.58
CA ILE A 353 -35.72 26.33 32.33
C ILE A 353 -36.34 27.58 31.76
N PHE A 354 -36.29 27.70 30.45
CA PHE A 354 -36.88 28.81 29.71
C PHE A 354 -38.32 29.05 30.17
N VAL A 355 -39.12 27.96 30.24
CA VAL A 355 -40.53 28.03 30.60
C VAL A 355 -40.71 28.46 32.07
N ARG A 356 -39.94 27.80 32.97
CA ARG A 356 -40.03 28.11 34.39
C ARG A 356 -39.56 29.52 34.70
N VAL A 357 -38.56 30.02 33.95
CA VAL A 357 -38.04 31.37 34.16
C VAL A 357 -39.15 32.41 33.90
N ILE A 358 -39.88 32.25 32.79
CA ILE A 358 -40.96 33.16 32.49
C ILE A 358 -42.02 33.09 33.60
N CYS A 359 -42.33 31.87 34.07
CA CYS A 359 -43.31 31.67 35.15
C CYS A 359 -42.95 32.50 36.34
N ILE A 360 -41.65 32.52 36.72
CA ILE A 360 -41.20 33.25 37.90
C ILE A 360 -41.18 34.74 37.65
N VAL A 361 -40.57 35.19 36.54
CA VAL A 361 -40.42 36.61 36.28
C VAL A 361 -41.76 37.32 36.29
N VAL A 362 -42.77 36.74 35.64
CA VAL A 362 -44.10 37.36 35.57
C VAL A 362 -44.69 37.47 36.98
N SER A 363 -44.52 36.44 37.79
CA SER A 363 -45.05 36.47 39.14
C SER A 363 -44.29 37.46 39.97
N LYS A 364 -42.95 37.46 39.87
CA LYS A 364 -42.09 38.35 40.65
C LYS A 364 -42.32 39.82 40.28
N LEU A 365 -42.42 40.11 38.98
CA LEU A 365 -42.68 41.47 38.52
C LEU A 365 -44.03 41.98 39.05
N LYS A 366 -45.11 41.19 38.81
CA LYS A 366 -46.46 41.58 39.24
C LYS A 366 -46.53 41.72 40.75
N ALA A 367 -45.85 40.83 41.50
CA ALA A 367 -45.85 40.92 42.94
C ALA A 367 -44.98 42.07 43.46
N ASN A 368 -44.42 42.91 42.54
CA ASN A 368 -43.55 44.08 42.85
C ASN A 368 -42.23 43.66 43.51
N LEU A 369 -41.97 42.33 43.60
CA LEU A 369 -40.78 41.79 44.25
C LEU A 369 -39.55 41.84 43.34
N MET A 370 -39.71 42.35 42.12
CA MET A 370 -38.62 42.42 41.14
C MET A 370 -38.91 43.52 40.15
N CYS A 371 -37.84 44.15 39.64
CA CYS A 371 -37.97 45.22 38.66
C CYS A 371 -37.21 44.87 37.38
N LYS A 372 -37.62 45.49 36.26
CA LYS A 372 -36.96 45.30 34.97
C LYS A 372 -35.55 45.87 34.99
N THR A 373 -35.28 46.84 35.85
CA THR A 373 -33.98 47.49 35.95
C THR A 373 -32.89 46.54 36.43
N ASP A 374 -33.25 45.41 37.07
CA ASP A 374 -32.29 44.48 37.66
C ASP A 374 -31.41 43.76 36.67
N ILE A 375 -30.29 43.22 37.16
CA ILE A 375 -29.37 42.41 36.35
C ILE A 375 -30.01 41.08 36.02
N ALA A 376 -30.82 40.55 36.93
CA ALA A 376 -31.47 39.26 36.75
C ALA A 376 -32.51 39.33 35.60
N PHE A 377 -33.16 40.49 35.41
CA PHE A 377 -34.11 40.66 34.32
C PHE A 377 -33.37 40.98 33.04
N ARG A 378 -32.39 41.90 33.10
CA ARG A 378 -31.59 42.25 31.94
C ARG A 378 -30.96 40.95 31.32
N LEU A 379 -30.42 40.06 32.18
CA LEU A 379 -29.84 38.80 31.72
C LEU A 379 -30.93 37.86 31.22
N ALA A 380 -32.10 37.85 31.91
CA ALA A 380 -33.24 37.02 31.49
C ALA A 380 -33.60 37.33 30.05
N LYS A 381 -33.65 38.62 29.70
CA LYS A 381 -33.93 39.04 28.33
C LYS A 381 -32.97 38.34 27.37
N SER A 382 -31.69 38.26 27.74
CA SER A 382 -30.69 37.66 26.88
C SER A 382 -30.76 36.13 26.89
N THR A 383 -30.78 35.52 28.07
CA THR A 383 -30.78 34.07 28.19
C THR A 383 -32.04 33.44 27.59
N LEU A 384 -33.19 34.10 27.79
CA LEU A 384 -34.44 33.63 27.24
C LEU A 384 -34.46 33.82 25.74
N THR A 385 -33.44 34.43 25.13
CA THR A 385 -33.37 34.66 23.70
C THR A 385 -32.48 33.62 23.02
N LEU A 386 -31.43 33.15 23.71
CA LEU A 386 -30.51 32.16 23.17
C LEU A 386 -31.10 30.80 23.28
N ILE A 387 -31.66 30.46 24.46
CA ILE A 387 -32.26 29.16 24.68
C ILE A 387 -33.27 28.78 23.57
N PRO A 388 -34.21 29.67 23.17
CA PRO A 388 -35.19 29.27 22.16
C PRO A 388 -34.61 29.01 20.79
N LEU A 389 -33.74 29.89 20.30
CA LEU A 389 -33.25 29.74 18.94
C LEU A 389 -32.20 28.64 18.80
N LEU A 390 -31.34 28.48 19.81
CA LEU A 390 -30.25 27.53 19.71
C LEU A 390 -30.65 26.09 19.93
N CYS A 391 -31.77 25.85 20.64
CA CYS A 391 -32.23 24.48 20.88
C CYS A 391 -33.53 24.14 20.13
N THR A 392 -34.16 25.12 19.45
CA THR A 392 -35.44 24.90 18.79
C THR A 392 -35.36 23.73 17.81
N HIS A 393 -34.43 23.78 16.87
CA HIS A 393 -34.28 22.71 15.85
C HIS A 393 -33.96 21.38 16.48
N GLU A 394 -33.14 21.41 17.54
CA GLU A 394 -32.64 20.21 18.20
C GLU A 394 -33.69 19.54 19.11
N VAL A 395 -34.95 20.00 19.11
CA VAL A 395 -36.01 19.39 19.92
C VAL A 395 -37.11 18.81 19.01
N ILE A 396 -37.63 19.64 18.09
CA ILE A 396 -38.71 19.21 17.19
C ILE A 396 -38.25 18.03 16.27
N PHE A 397 -37.13 18.21 15.60
CA PHE A 397 -36.61 17.17 14.72
C PHE A 397 -36.12 15.99 15.49
N ALA A 398 -35.41 16.25 16.60
CA ALA A 398 -34.66 15.25 17.37
C ALA A 398 -35.34 13.89 17.43
N PHE A 399 -36.59 13.86 17.89
CA PHE A 399 -37.24 12.58 18.04
C PHE A 399 -38.23 12.29 16.95
N VAL A 400 -39.00 13.31 16.51
CA VAL A 400 -40.02 13.16 15.47
C VAL A 400 -39.39 12.56 14.19
N MET A 401 -38.28 13.18 13.68
CA MET A 401 -37.59 12.75 12.46
C MET A 401 -36.87 11.43 12.67
N ASP A 402 -36.40 11.20 13.90
CA ASP A 402 -35.66 9.98 14.19
C ASP A 402 -36.48 8.70 13.88
N GLU A 403 -37.81 8.80 13.98
CA GLU A 403 -38.73 7.68 13.81
C GLU A 403 -38.49 6.91 12.53
N HIS A 404 -38.23 7.60 11.40
CA HIS A 404 -38.06 6.93 10.11
C HIS A 404 -36.82 7.44 9.36
N ALA A 405 -36.59 6.89 8.14
CA ALA A 405 -35.47 7.24 7.28
C ALA A 405 -35.70 8.56 6.56
N ARG A 406 -36.37 9.52 7.23
CA ARG A 406 -36.47 10.79 6.57
C ARG A 406 -35.72 11.86 7.34
N GLY A 407 -35.12 11.49 8.47
CA GLY A 407 -34.12 12.31 9.13
C GLY A 407 -32.84 12.24 8.30
N THR A 408 -32.86 11.40 7.25
CA THR A 408 -31.79 11.28 6.26
C THR A 408 -31.76 12.58 5.45
N LEU A 409 -32.90 12.90 4.78
CA LEU A 409 -33.00 14.10 3.95
C LEU A 409 -33.07 15.36 4.82
N ARG A 410 -33.32 15.21 6.13
CA ARG A 410 -33.36 16.37 7.04
C ARG A 410 -31.92 16.76 7.40
N PHE A 411 -30.98 15.78 7.40
CA PHE A 411 -29.56 16.03 7.70
C PHE A 411 -28.88 16.76 6.55
N ILE A 412 -29.44 16.63 5.32
CA ILE A 412 -28.94 17.40 4.18
C ILE A 412 -29.36 18.87 4.39
N LYS A 413 -30.58 19.08 4.91
CA LYS A 413 -31.05 20.41 5.25
C LYS A 413 -30.23 20.96 6.45
N LEU A 414 -29.87 20.10 7.39
CA LEU A 414 -29.07 20.60 8.50
C LEU A 414 -27.71 21.07 8.01
N PHE A 415 -27.15 20.42 6.99
CA PHE A 415 -25.88 20.85 6.40
C PHE A 415 -26.02 22.29 5.88
N THR A 416 -27.14 22.59 5.23
CA THR A 416 -27.41 23.94 4.74
C THR A 416 -27.64 24.90 5.93
N ASP A 417 -28.31 24.42 6.99
CA ASP A 417 -28.52 25.21 8.19
C ASP A 417 -27.19 25.65 8.75
N LEU A 418 -26.26 24.69 8.92
CA LEU A 418 -24.95 24.93 9.49
C LEU A 418 -24.22 26.06 8.73
N SER A 419 -24.55 26.27 7.45
CA SER A 419 -23.95 27.34 6.67
C SER A 419 -24.66 28.67 6.89
N PHE A 420 -25.69 28.71 7.73
CA PHE A 420 -26.43 29.90 8.17
C PHE A 420 -26.24 30.08 9.73
N THR A 421 -25.94 28.97 10.44
CA THR A 421 -25.71 28.92 11.89
C THR A 421 -24.26 29.35 12.22
N SER A 422 -23.55 29.93 11.24
CA SER A 422 -22.22 30.47 11.46
C SER A 422 -22.29 31.73 12.33
N PHE A 423 -23.40 32.48 12.22
CA PHE A 423 -23.62 33.72 12.96
C PHE A 423 -23.97 33.50 14.40
N GLN A 424 -24.48 32.32 14.73
CA GLN A 424 -24.98 32.02 16.06
C GLN A 424 -23.87 32.19 17.17
N GLY A 425 -22.63 32.44 16.76
CA GLY A 425 -21.56 32.76 17.70
C GLY A 425 -21.61 34.24 18.08
N LEU A 426 -21.84 35.10 17.06
CA LEU A 426 -21.96 36.55 17.26
C LEU A 426 -23.18 36.85 18.10
N MET A 427 -24.27 36.11 17.87
CA MET A 427 -25.50 36.30 18.62
C MET A 427 -25.22 36.17 20.14
N VAL A 428 -24.39 35.21 20.53
CA VAL A 428 -24.00 35.01 21.93
C VAL A 428 -23.14 36.20 22.38
N ALA A 429 -22.27 36.67 21.48
CA ALA A 429 -21.37 37.77 21.83
C ALA A 429 -22.15 39.07 22.10
N ILE A 430 -23.06 39.41 21.19
CA ILE A 430 -23.82 40.64 21.35
C ILE A 430 -24.66 40.58 22.61
N LEU A 431 -25.61 39.67 22.62
CA LEU A 431 -26.61 39.57 23.66
C LEU A 431 -26.03 39.47 25.06
N TYR A 432 -24.82 38.89 25.21
CA TYR A 432 -24.20 38.70 26.53
C TYR A 432 -23.12 39.70 26.89
N CYS A 433 -22.66 40.49 25.91
CA CYS A 433 -21.63 41.47 26.19
C CYS A 433 -22.05 42.81 25.66
N PHE A 434 -22.12 42.96 24.33
CA PHE A 434 -22.45 44.24 23.70
C PHE A 434 -23.78 44.82 24.23
N VAL A 435 -24.75 43.96 24.52
CA VAL A 435 -26.05 44.38 25.02
C VAL A 435 -26.02 44.67 26.54
N ASN A 436 -24.99 44.21 27.26
CA ASN A 436 -24.90 44.40 28.72
C ASN A 436 -24.85 45.87 29.09
N ASN A 437 -25.72 46.27 30.03
CA ASN A 437 -25.77 47.67 30.52
C ASN A 437 -24.51 48.04 31.32
N GLU A 438 -23.81 47.03 31.86
CA GLU A 438 -22.59 47.22 32.65
C GLU A 438 -21.40 47.58 31.78
N VAL A 439 -21.21 46.84 30.66
CA VAL A 439 -20.10 47.13 29.74
C VAL A 439 -20.37 48.47 29.05
N GLN A 440 -21.65 48.86 28.93
CA GLN A 440 -22.03 50.14 28.36
C GLN A 440 -21.60 51.28 29.31
N LEU A 441 -21.62 51.04 30.64
CA LEU A 441 -21.14 52.01 31.62
C LEU A 441 -19.62 52.06 31.56
N GLU A 442 -18.97 50.91 31.24
CA GLU A 442 -17.53 50.85 31.07
C GLU A 442 -17.12 51.52 29.77
N PHE A 443 -17.98 51.42 28.75
CA PHE A 443 -17.77 52.12 27.49
C PHE A 443 -17.76 53.63 27.76
N ARG A 444 -18.73 54.11 28.53
CA ARG A 444 -18.84 55.53 28.84
C ARG A 444 -17.71 56.00 29.76
N LYS A 445 -17.19 55.10 30.62
CA LYS A 445 -16.09 55.44 31.51
C LYS A 445 -14.78 55.56 30.71
N SER A 446 -14.59 54.68 29.72
CA SER A 446 -13.39 54.70 28.87
C SER A 446 -13.38 55.93 27.96
N TRP A 447 -14.56 56.28 27.39
CA TRP A 447 -14.68 57.45 26.53
C TRP A 447 -14.48 58.74 27.31
N GLU A 448 -14.95 58.78 28.57
CA GLU A 448 -14.78 59.97 29.42
C GLU A 448 -13.34 60.13 29.89
N ARG A 449 -12.61 59.00 30.05
CA ARG A 449 -11.21 59.03 30.49
C ARG A 449 -10.29 59.67 29.45
N TRP A 450 -10.71 59.72 28.18
CA TRP A 450 -9.94 60.39 27.13
C TRP A 450 -10.28 61.89 27.08
N ARG A 451 -11.58 62.23 27.11
CA ARG A 451 -12.03 63.62 27.07
C ARG A 451 -12.81 63.96 28.34
N GLN B 1 -2.24 -22.08 -3.90
CA GLN B 1 -3.66 -22.38 -3.90
C GLN B 1 -4.01 -23.15 -5.20
N ILE B 2 -4.29 -22.47 -6.33
CA ILE B 2 -4.60 -23.12 -7.63
C ILE B 2 -3.30 -23.67 -8.24
N VAL B 3 -3.36 -24.82 -8.90
CA VAL B 3 -2.16 -25.50 -9.38
C VAL B 3 -2.20 -25.71 -10.88
N LEU B 4 -1.13 -25.29 -11.54
CA LEU B 4 -1.00 -25.42 -12.97
C LEU B 4 -0.11 -26.60 -13.28
N THR B 5 -0.66 -27.63 -13.92
CA THR B 5 0.11 -28.83 -14.27
C THR B 5 0.30 -28.93 -15.76
N GLN B 6 1.55 -28.81 -16.22
CA GLN B 6 1.80 -28.86 -17.67
C GLN B 6 2.67 -30.05 -18.07
N SER B 7 2.14 -30.85 -19.04
CA SER B 7 2.73 -32.07 -19.59
C SER B 7 3.12 -31.89 -21.04
N PRO B 8 4.20 -32.51 -21.51
CA PRO B 8 5.12 -33.40 -20.79
C PRO B 8 6.17 -32.62 -20.01
N ALA B 9 7.17 -33.29 -19.46
CA ALA B 9 8.30 -32.68 -18.76
C ALA B 9 9.27 -32.12 -19.79
N ILE B 10 9.87 -33.03 -20.63
CA ILE B 10 10.73 -32.64 -21.73
C ILE B 10 10.08 -33.22 -22.96
N MET B 11 10.05 -32.45 -24.02
CA MET B 11 9.46 -32.78 -25.31
C MET B 11 10.56 -32.68 -26.37
N SER B 12 10.71 -33.72 -27.19
CA SER B 12 11.69 -33.71 -28.30
C SER B 12 10.97 -33.93 -29.62
N ALA B 13 11.08 -32.99 -30.51
CA ALA B 13 10.40 -33.03 -31.79
C ALA B 13 11.36 -32.78 -32.94
N SER B 14 11.17 -33.50 -34.06
CA SER B 14 11.99 -33.30 -35.25
C SER B 14 11.49 -32.07 -35.96
N PRO B 15 12.32 -31.32 -36.70
CA PRO B 15 11.82 -30.08 -37.30
C PRO B 15 10.68 -30.36 -38.23
N GLY B 16 9.70 -29.48 -38.19
CA GLY B 16 8.51 -29.62 -39.01
C GLY B 16 7.51 -30.62 -38.50
N GLU B 17 7.63 -31.00 -37.22
CA GLU B 17 6.66 -31.87 -36.60
C GLU B 17 5.74 -31.08 -35.66
N LYS B 18 4.51 -31.55 -35.46
CA LYS B 18 3.56 -30.91 -34.55
C LYS B 18 3.97 -31.12 -33.09
N VAL B 19 4.24 -29.99 -32.43
CA VAL B 19 4.53 -29.92 -31.00
C VAL B 19 3.25 -29.41 -30.34
N THR B 20 2.82 -30.10 -29.27
CA THR B 20 1.68 -29.62 -28.55
C THR B 20 1.90 -29.87 -27.08
N ILE B 21 2.12 -28.79 -26.29
CA ILE B 21 2.36 -28.76 -24.84
C ILE B 21 1.07 -28.46 -24.12
N SER B 22 0.68 -29.26 -23.12
CA SER B 22 -0.53 -29.04 -22.36
C SER B 22 -0.27 -28.24 -21.10
N CYS B 23 -1.34 -27.86 -20.35
CA CYS B 23 -1.31 -27.15 -19.08
C CYS B 23 -2.69 -27.23 -18.45
N SER B 24 -2.93 -28.22 -17.62
CA SER B 24 -4.24 -28.34 -17.00
C SER B 24 -4.23 -27.74 -15.56
N ALA B 25 -5.04 -26.69 -15.35
CA ALA B 25 -5.15 -26.03 -14.06
C ALA B 25 -6.05 -26.81 -13.07
N SER B 26 -5.84 -26.54 -11.75
CA SER B 26 -6.61 -27.16 -10.67
C SER B 26 -8.09 -26.68 -10.73
N SER B 27 -8.26 -25.35 -10.74
CA SER B 27 -9.54 -24.70 -10.80
C SER B 27 -9.66 -24.01 -12.13
N SER B 28 -10.87 -23.82 -12.60
CA SER B 28 -11.14 -23.22 -13.90
C SER B 28 -10.77 -21.76 -13.92
N VAL B 29 -9.90 -21.40 -14.85
CA VAL B 29 -9.42 -20.01 -15.00
C VAL B 29 -10.00 -19.41 -16.30
N SER B 30 -9.92 -18.09 -16.42
CA SER B 30 -10.46 -17.39 -17.56
C SER B 30 -9.51 -17.50 -18.78
N TYR B 31 -8.28 -16.99 -18.67
CA TYR B 31 -7.28 -16.98 -19.73
C TYR B 31 -6.00 -17.62 -19.25
N MET B 32 -5.21 -18.11 -20.21
CA MET B 32 -3.93 -18.72 -19.93
C MET B 32 -2.76 -17.93 -20.55
N TYR B 33 -1.63 -17.97 -19.85
CA TYR B 33 -0.48 -17.20 -20.26
C TYR B 33 0.71 -18.11 -20.34
N TRP B 34 1.53 -17.94 -21.35
CA TRP B 34 2.71 -18.77 -21.57
C TRP B 34 3.96 -17.91 -21.69
N TYR B 35 5.06 -18.42 -21.13
CA TYR B 35 6.33 -17.75 -21.18
C TYR B 35 7.38 -18.67 -21.78
N GLN B 36 8.14 -18.19 -22.75
CA GLN B 36 9.25 -18.96 -23.28
C GLN B 36 10.50 -18.49 -22.52
N GLN B 37 11.17 -19.41 -21.85
CA GLN B 37 12.40 -19.08 -21.17
C GLN B 37 13.48 -19.91 -21.82
N LYS B 38 14.51 -19.26 -22.33
CA LYS B 38 15.59 -19.95 -22.95
C LYS B 38 16.70 -20.05 -21.91
N PRO B 39 17.22 -21.29 -21.61
CA PRO B 39 18.35 -21.39 -20.66
C PRO B 39 19.43 -20.37 -20.98
N GLY B 40 19.63 -19.46 -20.03
CA GLY B 40 20.61 -18.41 -20.13
C GLY B 40 20.03 -17.01 -20.12
N SER B 41 18.74 -16.90 -19.79
CA SER B 41 18.05 -15.61 -19.69
C SER B 41 16.76 -15.74 -18.91
N SER B 42 16.24 -14.59 -18.49
CA SER B 42 14.97 -14.50 -17.76
C SER B 42 13.78 -14.94 -18.65
N PRO B 43 12.63 -15.31 -18.07
CA PRO B 43 11.48 -15.70 -18.90
C PRO B 43 10.98 -14.55 -19.72
N LYS B 44 10.19 -14.89 -20.73
CA LYS B 44 9.69 -13.90 -21.71
C LYS B 44 8.27 -14.15 -22.04
N PRO B 45 7.39 -13.13 -22.00
CA PRO B 45 6.00 -13.36 -22.42
C PRO B 45 5.95 -13.97 -23.84
N TRP B 46 5.21 -15.06 -24.00
CA TRP B 46 5.19 -15.76 -25.24
C TRP B 46 3.79 -15.84 -25.83
N ILE B 47 2.82 -16.23 -25.01
CA ILE B 47 1.43 -16.25 -25.39
C ILE B 47 0.63 -15.63 -24.23
N TYR B 48 -0.25 -14.65 -24.52
CA TYR B 48 -1.09 -14.04 -23.50
C TYR B 48 -2.56 -14.17 -23.90
N ARG B 49 -3.44 -14.08 -22.92
CA ARG B 49 -4.90 -14.19 -23.11
C ARG B 49 -5.23 -15.48 -23.87
N THR B 50 -4.64 -16.58 -23.42
CA THR B 50 -4.87 -17.93 -23.93
C THR B 50 -4.32 -18.11 -25.32
N SER B 51 -4.85 -17.41 -26.32
CA SER B 51 -4.45 -17.64 -27.72
C SER B 51 -3.67 -16.54 -28.37
N LYS B 52 -3.62 -15.32 -27.74
CA LYS B 52 -2.90 -14.17 -28.31
C LYS B 52 -1.40 -14.42 -28.20
N LEU B 53 -0.67 -14.05 -29.27
CA LEU B 53 0.78 -14.21 -29.32
C LEU B 53 1.48 -12.93 -28.88
N ALA B 54 2.64 -13.07 -28.26
CA ALA B 54 3.43 -11.90 -27.91
C ALA B 54 4.18 -11.40 -29.16
N SER B 55 4.57 -10.11 -29.13
CA SER B 55 5.24 -9.52 -30.28
C SER B 55 6.57 -10.22 -30.56
N GLY B 56 6.77 -10.54 -31.84
CA GLY B 56 7.95 -11.27 -32.31
C GLY B 56 7.81 -12.78 -32.30
N VAL B 57 6.72 -13.31 -31.70
CA VAL B 57 6.55 -14.75 -31.68
C VAL B 57 6.10 -15.21 -33.04
N PRO B 58 6.70 -16.27 -33.66
CA PRO B 58 6.23 -16.71 -34.99
C PRO B 58 4.85 -17.33 -34.95
N VAL B 59 4.13 -17.19 -36.08
CA VAL B 59 2.76 -17.64 -36.23
C VAL B 59 2.58 -19.18 -36.12
N ARG B 60 3.69 -19.95 -36.15
CA ARG B 60 3.58 -21.37 -35.93
C ARG B 60 2.97 -21.60 -34.56
N PHE B 61 3.30 -20.73 -33.59
CA PHE B 61 2.77 -20.89 -32.25
C PHE B 61 1.34 -20.46 -32.17
N SER B 62 0.53 -21.25 -31.47
CA SER B 62 -0.85 -20.90 -31.25
C SER B 62 -1.28 -21.36 -29.90
N GLY B 63 -1.86 -20.46 -29.12
CA GLY B 63 -2.38 -20.82 -27.80
C GLY B 63 -3.82 -21.23 -27.94
N SER B 64 -4.26 -22.18 -27.16
CA SER B 64 -5.65 -22.70 -27.23
C SER B 64 -6.06 -23.24 -25.88
N GLY B 65 -7.29 -23.01 -25.48
CA GLY B 65 -7.74 -23.51 -24.20
C GLY B 65 -9.04 -22.94 -23.68
N SER B 66 -9.55 -23.52 -22.61
CA SER B 66 -10.79 -23.12 -21.98
C SER B 66 -10.94 -23.91 -20.70
N GLY B 67 -11.39 -23.22 -19.66
CA GLY B 67 -11.60 -23.81 -18.35
C GLY B 67 -10.31 -24.18 -17.68
N THR B 68 -10.04 -25.46 -17.51
CA THR B 68 -8.81 -25.89 -16.88
C THR B 68 -7.78 -26.30 -17.91
N SER B 69 -8.24 -26.91 -19.00
CA SER B 69 -7.35 -27.46 -20.02
C SER B 69 -6.97 -26.44 -21.06
N TYR B 70 -5.63 -26.19 -21.18
CA TYR B 70 -4.98 -25.25 -22.12
C TYR B 70 -3.79 -25.93 -22.75
N SER B 71 -3.33 -25.40 -23.90
CA SER B 71 -2.16 -25.96 -24.60
C SER B 71 -1.49 -24.92 -25.47
N LEU B 72 -0.20 -25.15 -25.75
CA LEU B 72 0.61 -24.39 -26.67
C LEU B 72 1.04 -25.34 -27.81
N THR B 73 0.85 -24.93 -29.06
CA THR B 73 1.13 -25.78 -30.22
C THR B 73 2.03 -25.07 -31.25
N ILE B 74 2.84 -25.87 -31.95
CA ILE B 74 3.75 -25.43 -33.02
C ILE B 74 3.53 -26.27 -34.29
N SER B 75 3.36 -25.62 -35.45
CA SER B 75 3.14 -26.35 -36.72
C SER B 75 4.43 -26.69 -37.47
N ASN B 76 4.98 -25.70 -38.18
CA ASN B 76 6.23 -25.78 -38.95
C ASN B 76 7.43 -25.69 -37.97
N MET B 77 7.50 -26.62 -36.96
CA MET B 77 8.53 -26.67 -35.95
C MET B 77 9.92 -26.27 -36.49
N GLU B 78 10.68 -25.52 -35.69
CA GLU B 78 12.04 -25.11 -35.99
C GLU B 78 12.90 -25.16 -34.74
N ALA B 79 14.19 -25.40 -34.90
CA ALA B 79 15.11 -25.54 -33.78
C ALA B 79 15.15 -24.32 -32.85
N GLU B 80 14.81 -23.14 -33.37
CA GLU B 80 14.76 -21.89 -32.61
C GLU B 80 13.80 -22.02 -31.45
N ASP B 81 12.85 -22.98 -31.52
CA ASP B 81 11.78 -23.18 -30.54
C ASP B 81 12.12 -24.18 -29.45
N ALA B 82 13.40 -24.38 -29.20
CA ALA B 82 13.82 -25.29 -28.16
C ALA B 82 14.05 -24.48 -26.92
N ALA B 83 13.21 -24.67 -25.91
CA ALA B 83 13.31 -23.94 -24.66
C ALA B 83 12.28 -24.46 -23.66
N THR B 84 12.31 -23.93 -22.44
CA THR B 84 11.33 -24.32 -21.43
C THR B 84 10.19 -23.33 -21.51
N TYR B 85 8.93 -23.84 -21.47
CA TYR B 85 7.72 -23.04 -21.61
C TYR B 85 6.92 -23.16 -20.40
N TYR B 86 6.70 -22.05 -19.72
CA TYR B 86 5.94 -22.00 -18.47
C TYR B 86 4.55 -21.42 -18.70
N CYS B 87 3.51 -22.11 -18.32
CA CYS B 87 2.21 -21.54 -18.34
C CYS B 87 2.00 -20.78 -17.02
N GLN B 88 1.21 -19.72 -17.04
CA GLN B 88 0.90 -18.91 -15.86
C GLN B 88 -0.57 -18.53 -15.80
N GLN B 89 -1.09 -18.40 -14.58
CA GLN B 89 -2.44 -17.93 -14.30
C GLN B 89 -2.39 -16.53 -13.61
N PHE B 90 -3.14 -15.56 -14.19
CA PHE B 90 -3.31 -14.22 -13.62
C PHE B 90 -4.69 -14.06 -12.98
N HIS B 91 -5.45 -15.14 -12.92
CA HIS B 91 -6.86 -15.15 -12.54
C HIS B 91 -7.09 -14.99 -11.05
N THR B 92 -6.20 -15.52 -10.22
CA THR B 92 -6.36 -15.48 -8.76
C THR B 92 -5.01 -15.40 -8.04
N TYR B 93 -5.08 -15.02 -6.78
CA TYR B 93 -3.90 -14.92 -5.94
C TYR B 93 -3.82 -16.13 -4.98
N PRO B 94 -2.62 -16.74 -4.81
CA PRO B 94 -1.34 -16.43 -5.45
C PRO B 94 -1.35 -16.82 -6.93
N TRP B 95 -0.54 -16.09 -7.68
CA TRP B 95 -0.37 -16.33 -9.08
C TRP B 95 0.47 -17.59 -9.33
N THR B 96 -0.16 -18.63 -9.90
CA THR B 96 0.51 -19.89 -10.13
C THR B 96 1.19 -19.92 -11.48
N PHE B 97 2.36 -20.57 -11.52
CA PHE B 97 3.06 -20.88 -12.75
C PHE B 97 2.94 -22.38 -13.06
N GLY B 98 3.53 -22.80 -14.18
CA GLY B 98 3.58 -24.19 -14.59
C GLY B 98 4.97 -24.72 -14.27
N GLY B 99 5.10 -26.03 -14.34
CA GLY B 99 6.37 -26.70 -14.12
C GLY B 99 7.39 -26.43 -15.21
N GLY B 100 6.88 -26.04 -16.37
CA GLY B 100 7.66 -25.78 -17.56
C GLY B 100 7.79 -27.08 -18.35
N THR B 101 7.87 -26.95 -19.69
CA THR B 101 8.12 -28.07 -20.58
C THR B 101 9.34 -27.74 -21.46
N LYS B 102 10.50 -28.36 -21.17
CA LYS B 102 11.70 -28.20 -21.99
C LYS B 102 11.44 -28.84 -23.33
N LEU B 103 11.52 -28.06 -24.38
CA LEU B 103 11.35 -28.57 -25.72
C LEU B 103 12.73 -28.78 -26.38
N GLU B 104 12.98 -29.99 -26.88
CA GLU B 104 14.24 -30.35 -27.57
C GLU B 104 13.94 -30.73 -29.03
N ILE B 105 14.94 -30.84 -29.87
CA ILE B 105 14.70 -31.06 -31.26
C ILE B 105 15.33 -32.37 -31.73
N LYS B 106 14.48 -33.35 -32.11
CA LYS B 106 14.96 -34.64 -32.66
C LYS B 106 15.85 -34.40 -33.87
N ARG B 107 16.79 -35.32 -34.10
CA ARG B 107 17.71 -35.26 -35.25
C ARG B 107 18.33 -36.63 -35.56
N THR B 108 19.07 -36.71 -36.67
CA THR B 108 19.77 -37.93 -37.08
C THR B 108 20.59 -38.50 -35.93
N VAL B 109 20.61 -39.82 -35.83
CA VAL B 109 21.37 -40.51 -34.78
C VAL B 109 22.83 -40.28 -35.09
N ALA B 110 23.53 -39.69 -34.13
CA ALA B 110 24.93 -39.38 -34.24
C ALA B 110 25.66 -40.14 -33.19
N ALA B 111 26.86 -40.64 -33.52
CA ALA B 111 27.64 -41.41 -32.57
C ALA B 111 28.66 -40.48 -31.92
N PRO B 112 28.93 -40.73 -30.62
CA PRO B 112 29.88 -39.87 -29.91
C PRO B 112 31.31 -40.10 -30.35
N SER B 113 32.10 -39.01 -30.43
CA SER B 113 33.55 -39.08 -30.69
C SER B 113 34.16 -39.12 -29.32
N VAL B 114 34.59 -40.30 -28.92
CA VAL B 114 35.01 -40.46 -27.53
C VAL B 114 36.54 -40.11 -27.29
N PHE B 115 36.80 -39.44 -26.15
CA PHE B 115 38.12 -39.11 -25.74
C PHE B 115 38.32 -39.36 -24.26
N ILE B 116 39.44 -39.97 -23.88
CA ILE B 116 39.83 -40.25 -22.49
C ILE B 116 41.07 -39.45 -22.12
N PHE B 117 41.03 -38.77 -20.97
CA PHE B 117 42.15 -37.96 -20.49
C PHE B 117 42.57 -38.42 -19.14
N PRO B 118 43.89 -38.72 -18.95
CA PRO B 118 44.37 -39.10 -17.63
C PRO B 118 44.35 -37.90 -16.69
N PRO B 119 44.64 -38.05 -15.41
CA PRO B 119 44.69 -36.89 -14.56
C PRO B 119 46.05 -36.22 -14.69
N SER B 120 46.02 -34.90 -14.63
CA SER B 120 47.23 -34.07 -14.70
C SER B 120 48.19 -34.44 -13.61
N ASP B 121 49.46 -34.25 -13.87
CA ASP B 121 50.41 -34.49 -12.82
C ASP B 121 50.45 -33.30 -11.84
N GLU B 122 49.80 -32.19 -12.21
CA GLU B 122 49.52 -31.06 -11.31
C GLU B 122 48.50 -31.56 -10.24
N GLN B 123 47.48 -32.33 -10.70
CA GLN B 123 46.47 -32.92 -9.84
C GLN B 123 47.10 -34.07 -9.05
N LEU B 124 48.11 -34.71 -9.61
CA LEU B 124 48.74 -35.79 -8.91
C LEU B 124 49.71 -35.22 -7.85
N LYS B 125 49.28 -34.08 -7.27
CA LYS B 125 49.93 -33.40 -6.17
C LYS B 125 48.85 -33.04 -5.17
N SER B 126 47.65 -32.76 -5.68
CA SER B 126 46.48 -32.44 -4.86
C SER B 126 45.90 -33.64 -4.01
N GLY B 127 46.55 -34.81 -4.03
CA GLY B 127 46.07 -35.98 -3.30
C GLY B 127 44.92 -36.73 -3.95
N THR B 128 44.42 -36.22 -5.09
CA THR B 128 43.33 -36.83 -5.86
C THR B 128 43.81 -37.05 -7.32
N ALA B 129 42.95 -37.64 -8.13
CA ALA B 129 43.23 -37.95 -9.52
C ALA B 129 41.88 -38.18 -10.24
N SER B 130 41.47 -37.25 -11.10
CA SER B 130 40.23 -37.34 -11.84
C SER B 130 40.51 -37.62 -13.33
N VAL B 131 39.97 -38.78 -13.81
CA VAL B 131 40.10 -39.19 -15.20
C VAL B 131 38.80 -38.87 -15.91
N VAL B 132 38.90 -38.14 -17.04
CA VAL B 132 37.74 -37.71 -17.79
C VAL B 132 37.57 -38.53 -19.11
N CYS B 133 36.31 -38.78 -19.47
CA CYS B 133 35.95 -39.49 -20.68
C CYS B 133 34.90 -38.69 -21.43
N LEU B 134 35.28 -38.00 -22.48
CA LEU B 134 34.45 -37.16 -23.25
C LEU B 134 33.77 -37.91 -24.38
N LEU B 135 32.50 -37.58 -24.60
CA LEU B 135 31.65 -38.11 -25.68
C LEU B 135 31.10 -36.91 -26.42
N ASN B 136 31.60 -36.69 -27.66
CA ASN B 136 31.26 -35.50 -28.36
C ASN B 136 30.32 -35.72 -29.51
N ASN B 137 29.16 -35.02 -29.42
CA ASN B 137 28.23 -34.73 -30.48
C ASN B 137 27.50 -35.94 -30.97
N PHE B 138 26.99 -36.69 -30.02
CA PHE B 138 26.13 -37.80 -30.30
C PHE B 138 24.69 -37.34 -30.15
N TYR B 139 23.78 -37.99 -30.84
CA TYR B 139 22.35 -37.93 -30.66
C TYR B 139 21.84 -39.39 -30.70
N PRO B 140 20.93 -39.79 -29.81
CA PRO B 140 20.28 -39.03 -28.73
C PRO B 140 21.11 -38.90 -27.45
N ARG B 141 20.53 -38.20 -26.44
CA ARG B 141 21.14 -37.93 -25.16
C ARG B 141 21.58 -39.19 -24.43
N GLU B 142 20.76 -40.23 -24.48
CA GLU B 142 21.05 -41.48 -23.75
C GLU B 142 22.28 -42.11 -24.27
N ALA B 143 23.30 -42.15 -23.44
CA ALA B 143 24.58 -42.79 -23.70
C ALA B 143 25.11 -43.37 -22.40
N LYS B 144 25.84 -44.47 -22.53
CA LYS B 144 26.36 -45.20 -21.37
C LYS B 144 27.87 -45.13 -21.33
N VAL B 145 28.38 -44.52 -20.25
CA VAL B 145 29.81 -44.49 -19.97
C VAL B 145 30.08 -45.55 -18.86
N GLN B 146 31.04 -46.44 -19.11
CA GLN B 146 31.36 -47.50 -18.18
C GLN B 146 32.86 -47.44 -17.93
N TRP B 147 33.26 -47.10 -16.70
CA TRP B 147 34.67 -47.02 -16.37
C TRP B 147 35.22 -48.40 -16.00
N LYS B 148 36.42 -48.72 -16.49
CA LYS B 148 37.05 -50.02 -16.23
C LYS B 148 38.54 -49.79 -15.92
N VAL B 149 38.83 -49.61 -14.66
CA VAL B 149 40.20 -49.43 -14.19
C VAL B 149 40.76 -50.82 -13.96
N ASP B 150 41.67 -51.28 -14.84
CA ASP B 150 42.29 -52.64 -14.82
C ASP B 150 41.20 -53.68 -14.89
N ASN B 151 40.37 -53.51 -15.92
CA ASN B 151 39.24 -54.37 -16.19
C ASN B 151 38.27 -54.52 -14.93
N ALA B 152 38.25 -53.51 -14.04
CA ALA B 152 37.37 -53.47 -12.89
C ALA B 152 36.31 -52.46 -13.15
N LEU B 153 35.07 -52.93 -13.27
CA LEU B 153 33.95 -52.04 -13.58
C LEU B 153 33.69 -51.09 -12.42
N GLN B 154 34.16 -49.81 -12.59
CA GLN B 154 33.99 -48.76 -11.58
C GLN B 154 32.51 -48.39 -11.51
N SER B 155 32.07 -47.88 -10.35
CA SER B 155 30.67 -47.66 -10.04
C SER B 155 30.56 -46.70 -8.87
N GLY B 156 29.80 -45.64 -9.08
CA GLY B 156 29.51 -44.66 -8.04
C GLY B 156 30.66 -43.80 -7.57
N ASN B 157 31.70 -43.69 -8.40
CA ASN B 157 32.86 -42.83 -8.14
C ASN B 157 32.93 -41.72 -9.18
N SER B 158 32.26 -41.91 -10.34
CA SER B 158 32.25 -40.92 -11.43
C SER B 158 30.95 -40.13 -11.44
N GLN B 159 30.98 -38.92 -12.01
CA GLN B 159 29.83 -38.07 -12.18
C GLN B 159 29.81 -37.62 -13.63
N GLU B 160 28.73 -37.94 -14.37
CA GLU B 160 28.62 -37.53 -15.76
C GLU B 160 27.84 -36.21 -15.81
N SER B 161 28.17 -35.37 -16.81
CA SER B 161 27.56 -34.07 -17.01
C SER B 161 27.34 -33.88 -18.48
N VAL B 162 26.10 -33.60 -18.86
CA VAL B 162 25.64 -33.44 -20.23
C VAL B 162 25.32 -31.99 -20.42
N THR B 163 25.80 -31.45 -21.55
CA THR B 163 25.47 -30.10 -21.97
C THR B 163 24.04 -30.03 -22.49
N GLU B 164 23.65 -28.83 -22.85
CA GLU B 164 22.38 -28.60 -23.51
C GLU B 164 22.54 -28.98 -24.98
N GLN B 165 21.44 -29.27 -25.63
CA GLN B 165 21.45 -29.61 -27.07
C GLN B 165 22.06 -28.50 -27.83
N ASP B 166 23.00 -28.80 -28.68
CA ASP B 166 23.77 -27.73 -29.36
C ASP B 166 22.93 -26.84 -30.23
N SER B 167 23.26 -25.55 -30.17
CA SER B 167 22.55 -24.54 -30.93
C SER B 167 22.62 -24.86 -32.42
N LYS B 168 23.82 -25.26 -32.89
CA LYS B 168 24.10 -25.41 -34.30
C LYS B 168 23.83 -26.81 -34.89
N ASP B 169 24.12 -27.89 -34.19
CA ASP B 169 23.90 -29.20 -34.78
C ASP B 169 22.98 -30.12 -33.94
N SER B 170 22.26 -29.56 -32.95
CA SER B 170 21.30 -30.30 -32.13
C SER B 170 21.86 -31.60 -31.49
N THR B 171 23.18 -31.66 -31.28
CA THR B 171 23.82 -32.82 -30.69
C THR B 171 24.02 -32.55 -29.23
N TYR B 172 24.61 -33.53 -28.51
CA TYR B 172 24.96 -33.40 -27.10
C TYR B 172 26.43 -33.72 -26.91
N SER B 173 26.94 -33.38 -25.74
CA SER B 173 28.29 -33.74 -25.31
C SER B 173 28.23 -34.11 -23.84
N LEU B 174 28.92 -35.17 -23.50
CA LEU B 174 28.89 -35.73 -22.17
C LEU B 174 30.31 -35.97 -21.68
N SER B 175 30.54 -35.69 -20.39
CA SER B 175 31.80 -35.93 -19.72
C SER B 175 31.53 -36.76 -18.53
N SER B 176 32.36 -37.81 -18.28
CA SER B 176 32.32 -38.62 -17.07
C SER B 176 33.69 -38.45 -16.39
N THR B 177 33.66 -37.98 -15.12
CA THR B 177 34.85 -37.70 -14.39
C THR B 177 35.02 -38.73 -13.32
N LEU B 178 35.97 -39.63 -13.54
CA LEU B 178 36.32 -40.68 -12.63
C LEU B 178 37.18 -40.06 -11.55
N THR B 179 36.58 -39.64 -10.45
CA THR B 179 37.33 -39.03 -9.34
C THR B 179 37.95 -40.15 -8.51
N LEU B 180 39.27 -40.10 -8.34
CA LEU B 180 40.01 -41.15 -7.64
C LEU B 180 41.07 -40.61 -6.72
N SER B 181 41.52 -41.42 -5.78
CA SER B 181 42.63 -41.06 -4.89
C SER B 181 43.95 -41.16 -5.63
N LYS B 182 44.96 -40.47 -5.12
CA LYS B 182 46.30 -40.57 -5.67
C LYS B 182 46.85 -41.97 -5.44
N ALA B 183 46.50 -42.56 -4.28
CA ALA B 183 46.91 -43.91 -3.95
C ALA B 183 46.13 -44.91 -4.79
N ASP B 184 44.78 -44.76 -4.85
CA ASP B 184 43.95 -45.66 -5.64
C ASP B 184 44.37 -45.64 -7.10
N TYR B 185 44.75 -44.46 -7.58
CA TYR B 185 45.09 -44.32 -8.99
C TYR B 185 46.41 -45.02 -9.31
N GLU B 186 47.47 -44.71 -8.52
CA GLU B 186 48.81 -45.26 -8.75
C GLU B 186 48.86 -46.78 -8.51
N LYS B 187 47.77 -47.37 -8.02
CA LYS B 187 47.77 -48.80 -7.82
C LYS B 187 47.47 -49.57 -9.11
N HIS B 188 46.78 -48.94 -10.08
CA HIS B 188 46.33 -49.61 -11.32
C HIS B 188 46.94 -49.04 -12.58
N LYS B 189 46.97 -49.86 -13.65
CA LYS B 189 47.64 -49.47 -14.91
C LYS B 189 46.67 -49.07 -16.01
N VAL B 190 45.94 -50.05 -16.60
CA VAL B 190 45.04 -49.75 -17.69
C VAL B 190 43.77 -49.06 -17.21
N TYR B 191 43.57 -47.81 -17.67
CA TYR B 191 42.39 -46.98 -17.42
C TYR B 191 41.62 -46.86 -18.70
N ALA B 192 40.35 -47.29 -18.68
CA ALA B 192 39.53 -47.31 -19.87
C ALA B 192 38.12 -46.90 -19.57
N CYS B 193 37.44 -46.48 -20.63
CA CYS B 193 36.08 -46.00 -20.56
C CYS B 193 35.26 -46.59 -21.74
N GLU B 194 34.29 -47.47 -21.43
CA GLU B 194 33.48 -48.16 -22.43
C GLU B 194 32.13 -47.41 -22.73
N VAL B 195 32.06 -46.79 -23.90
CA VAL B 195 30.89 -45.99 -24.33
C VAL B 195 29.90 -46.83 -25.18
N THR B 196 28.66 -46.90 -24.72
CA THR B 196 27.60 -47.64 -25.39
C THR B 196 26.61 -46.62 -25.88
N HIS B 197 26.33 -46.63 -27.20
CA HIS B 197 25.41 -45.65 -27.78
C HIS B 197 24.72 -46.23 -28.97
N GLN B 198 23.51 -45.67 -29.27
CA GLN B 198 22.66 -46.04 -30.41
C GLN B 198 23.47 -45.95 -31.73
N GLY B 199 24.22 -44.84 -31.90
CA GLY B 199 25.06 -44.59 -33.06
C GLY B 199 26.28 -45.50 -33.17
N LEU B 200 26.57 -46.27 -32.12
CA LEU B 200 27.73 -47.17 -32.11
C LEU B 200 27.33 -48.63 -32.29
N SER B 201 27.93 -49.25 -33.30
CA SER B 201 27.73 -50.66 -33.63
C SER B 201 28.18 -51.59 -32.49
N SER B 202 29.32 -51.23 -31.89
CA SER B 202 29.97 -51.91 -30.78
C SER B 202 30.43 -50.87 -29.75
N PRO B 203 30.26 -51.16 -28.44
CA PRO B 203 30.73 -50.20 -27.42
C PRO B 203 32.21 -49.88 -27.56
N VAL B 204 32.49 -48.59 -27.81
CA VAL B 204 33.86 -48.13 -27.99
C VAL B 204 34.57 -47.96 -26.64
N THR B 205 35.80 -48.46 -26.55
CA THR B 205 36.58 -48.33 -25.34
C THR B 205 37.86 -47.57 -25.64
N LYS B 206 37.96 -46.34 -25.13
CA LYS B 206 39.18 -45.55 -25.29
C LYS B 206 39.97 -45.72 -24.00
N SER B 207 41.17 -46.28 -24.10
CA SER B 207 42.01 -46.61 -22.94
C SER B 207 43.27 -45.75 -22.82
N PHE B 208 44.05 -46.03 -21.80
CA PHE B 208 45.37 -45.46 -21.56
C PHE B 208 46.01 -46.24 -20.40
N ASN B 209 47.33 -46.31 -20.41
CA ASN B 209 48.08 -46.97 -19.35
C ASN B 209 48.71 -45.92 -18.44
N ARG B 210 48.60 -46.18 -17.12
CA ARG B 210 49.05 -45.27 -16.08
C ARG B 210 50.52 -44.91 -16.26
N GLY B 211 50.77 -43.61 -16.24
CA GLY B 211 52.11 -43.03 -16.36
C GLY B 211 52.78 -43.22 -17.70
N GLU B 212 52.51 -44.36 -18.38
CA GLU B 212 53.04 -44.75 -19.69
C GLU B 212 52.50 -43.83 -20.83
N CYS B 213 52.81 -42.54 -20.73
CA CYS B 213 52.50 -41.49 -21.69
C CYS B 213 52.85 -40.11 -21.12
N GLU C 1 17.01 -8.76 -23.19
CA GLU C 1 15.70 -8.10 -23.13
C GLU C 1 15.40 -7.58 -21.70
N VAL C 2 16.37 -7.75 -20.77
CA VAL C 2 16.18 -7.37 -19.37
C VAL C 2 16.11 -5.84 -19.20
N GLN C 3 15.05 -5.36 -18.53
CA GLN C 3 14.83 -3.96 -18.27
C GLN C 3 14.98 -3.59 -16.80
N LEU C 4 14.70 -4.52 -15.89
CA LEU C 4 14.79 -4.28 -14.45
C LEU C 4 16.17 -4.58 -13.96
N GLN C 5 16.86 -3.56 -13.46
CA GLN C 5 18.24 -3.71 -13.02
C GLN C 5 18.26 -4.19 -11.58
N GLN C 6 18.40 -5.48 -11.43
CA GLN C 6 18.37 -6.12 -10.12
C GLN C 6 19.75 -6.11 -9.42
N SER C 7 19.82 -6.64 -8.19
CA SER C 7 21.07 -6.68 -7.46
C SER C 7 21.91 -7.92 -7.85
N GLY C 8 23.14 -7.93 -7.32
CA GLY C 8 24.11 -8.98 -7.56
C GLY C 8 23.79 -10.28 -6.87
N PRO C 9 24.59 -11.34 -7.16
CA PRO C 9 24.34 -12.66 -6.56
C PRO C 9 24.76 -12.65 -5.11
N GLU C 10 24.15 -13.55 -4.34
CA GLU C 10 24.38 -13.61 -2.91
C GLU C 10 24.64 -15.02 -2.40
N LEU C 11 25.57 -15.13 -1.42
CA LEU C 11 25.89 -16.37 -0.72
C LEU C 11 25.62 -16.09 0.72
N VAL C 12 24.58 -16.71 1.28
CA VAL C 12 24.14 -16.44 2.66
C VAL C 12 24.12 -17.71 3.50
N LYS C 13 24.52 -17.59 4.79
CA LYS C 13 24.57 -18.73 5.70
C LYS C 13 23.17 -19.07 6.13
N PRO C 14 22.85 -20.39 6.29
CA PRO C 14 21.47 -20.77 6.70
C PRO C 14 21.14 -20.18 8.05
N GLY C 15 19.98 -19.54 8.10
CA GLY C 15 19.49 -18.87 9.29
C GLY C 15 19.56 -17.35 9.20
N ALA C 16 20.35 -16.85 8.25
CA ALA C 16 20.54 -15.41 8.04
C ALA C 16 19.38 -14.81 7.24
N SER C 17 19.56 -13.57 6.78
CA SER C 17 18.60 -12.85 5.98
C SER C 17 19.30 -12.18 4.79
N VAL C 18 18.63 -12.12 3.65
CA VAL C 18 19.17 -11.51 2.46
C VAL C 18 18.16 -10.49 1.96
N LYS C 19 18.61 -9.27 1.59
CA LYS C 19 17.76 -8.19 1.08
C LYS C 19 18.33 -7.76 -0.24
N MET C 20 17.59 -8.00 -1.33
CA MET C 20 18.00 -7.70 -2.71
C MET C 20 17.27 -6.49 -3.28
N SER C 21 17.96 -5.77 -4.19
CA SER C 21 17.44 -4.58 -4.84
C SER C 21 16.89 -4.89 -6.23
N CYS C 22 15.94 -4.02 -6.68
CA CYS C 22 15.35 -4.06 -8.03
C CYS C 22 15.11 -2.66 -8.50
N LYS C 23 16.18 -2.02 -8.99
CA LYS C 23 16.13 -0.66 -9.47
C LYS C 23 15.52 -0.62 -10.87
N ALA C 24 14.50 0.18 -11.00
CA ALA C 24 13.86 0.40 -12.29
C ALA C 24 14.26 1.78 -12.83
N PRO C 25 14.55 1.91 -14.15
CA PRO C 25 14.89 3.23 -14.71
C PRO C 25 13.78 4.26 -14.43
N GLY C 26 12.54 3.80 -14.32
CA GLY C 26 11.39 4.65 -14.03
C GLY C 26 10.11 3.89 -14.18
N TYR C 27 9.24 3.95 -13.16
CA TYR C 27 7.96 3.25 -13.22
C TYR C 27 7.01 3.90 -14.24
N THR C 28 6.43 3.09 -15.14
CA THR C 28 5.44 3.55 -16.11
C THR C 28 4.18 3.96 -15.34
N PHE C 29 3.49 5.00 -15.81
CA PHE C 29 2.25 5.44 -15.18
C PHE C 29 1.23 4.31 -15.14
N THR C 30 1.33 3.34 -16.08
CA THR C 30 0.45 2.17 -16.19
C THR C 30 0.92 0.99 -15.33
N SER C 31 2.23 0.81 -15.23
CA SER C 31 2.79 -0.30 -14.47
C SER C 31 3.87 0.21 -13.54
N TYR C 32 3.63 0.07 -12.23
CA TYR C 32 4.55 0.50 -11.18
C TYR C 32 4.71 -0.57 -10.11
N VAL C 33 3.77 -1.50 -10.02
CA VAL C 33 3.84 -2.55 -9.02
C VAL C 33 4.82 -3.62 -9.50
N THR C 34 5.85 -3.89 -8.70
CA THR C 34 6.85 -4.92 -9.01
C THR C 34 6.48 -6.23 -8.33
N HIS C 35 6.52 -7.29 -9.09
CA HIS C 35 6.27 -8.63 -8.62
C HIS C 35 7.61 -9.36 -8.48
N TRP C 36 7.71 -10.25 -7.50
CA TRP C 36 8.93 -11.04 -7.27
C TRP C 36 8.60 -12.48 -7.55
N VAL C 37 9.45 -13.16 -8.33
CA VAL C 37 9.26 -14.54 -8.78
C VAL C 37 10.46 -15.37 -8.44
N LYS C 38 10.23 -16.56 -7.86
CA LYS C 38 11.28 -17.49 -7.43
C LYS C 38 11.45 -18.63 -8.43
N GLN C 39 12.67 -18.77 -8.98
CA GLN C 39 12.98 -19.88 -9.87
C GLN C 39 13.98 -20.79 -9.19
N LYS C 40 13.49 -21.85 -8.52
CA LYS C 40 14.40 -22.84 -7.92
C LYS C 40 14.43 -24.02 -8.85
N PRO C 41 15.62 -24.43 -9.33
CA PRO C 41 15.66 -25.58 -10.25
C PRO C 41 14.85 -26.75 -9.70
N GLY C 42 13.90 -27.25 -10.50
CA GLY C 42 13.11 -28.39 -10.06
C GLY C 42 11.86 -28.06 -9.28
N GLN C 43 11.77 -26.82 -8.80
CA GLN C 43 10.58 -26.32 -8.12
C GLN C 43 9.70 -25.52 -9.10
N GLY C 44 10.28 -25.12 -10.25
CA GLY C 44 9.58 -24.43 -11.34
C GLY C 44 9.76 -22.94 -11.24
N LEU C 45 8.64 -22.24 -11.22
CA LEU C 45 8.59 -20.79 -11.13
C LEU C 45 7.51 -20.41 -10.11
N GLU C 46 7.84 -19.60 -9.13
CA GLU C 46 6.93 -19.26 -8.05
C GLU C 46 6.76 -17.77 -7.83
N TRP C 47 5.50 -17.27 -7.88
CA TRP C 47 5.25 -15.86 -7.61
C TRP C 47 5.29 -15.58 -6.09
N ILE C 48 6.29 -14.81 -5.60
CA ILE C 48 6.48 -14.52 -4.18
C ILE C 48 5.48 -13.47 -3.70
N GLY C 49 5.37 -12.37 -4.42
CA GLY C 49 4.45 -11.32 -4.02
C GLY C 49 4.76 -10.05 -4.77
N TYR C 50 4.10 -8.96 -4.39
CA TYR C 50 4.36 -7.69 -5.03
C TYR C 50 4.35 -6.54 -4.04
N ILE C 51 4.95 -5.40 -4.43
CA ILE C 51 5.03 -4.20 -3.62
C ILE C 51 4.52 -3.03 -4.39
N ASN C 52 3.50 -2.35 -3.85
CA ASN C 52 2.94 -1.13 -4.44
C ASN C 52 3.83 0.03 -3.99
N PRO C 53 4.57 0.69 -4.91
CA PRO C 53 5.52 1.70 -4.45
C PRO C 53 4.90 3.02 -4.07
N TYR C 54 3.71 3.31 -4.60
CA TYR C 54 3.06 4.59 -4.32
C TYR C 54 2.55 4.67 -2.88
N ASN C 55 2.16 3.53 -2.30
CA ASN C 55 1.66 3.44 -0.93
C ASN C 55 2.52 2.51 -0.07
N ASP C 56 3.64 2.02 -0.62
CA ASP C 56 4.58 1.17 0.10
C ASP C 56 3.93 -0.09 0.72
N SER C 57 2.69 -0.39 0.31
CA SER C 57 1.98 -1.54 0.85
C SER C 57 2.22 -2.78 -0.04
N PRO C 58 2.71 -3.91 0.51
CA PRO C 58 2.96 -5.06 -0.35
C PRO C 58 1.92 -6.19 -0.24
N LYS C 59 1.79 -6.98 -1.30
CA LYS C 59 0.98 -8.18 -1.35
C LYS C 59 1.91 -9.39 -1.31
N TYR C 60 1.54 -10.39 -0.53
CA TYR C 60 2.39 -11.56 -0.42
C TYR C 60 1.65 -12.84 -0.74
N ASN C 61 2.41 -13.81 -1.25
CA ASN C 61 1.93 -15.18 -1.38
C ASN C 61 1.86 -15.73 0.05
N GLU C 62 0.71 -16.34 0.44
CA GLU C 62 0.56 -16.88 1.77
C GLU C 62 1.70 -17.83 2.12
N LYS C 63 2.27 -18.50 1.09
CA LYS C 63 3.41 -19.41 1.27
C LYS C 63 4.66 -18.64 1.72
N TYR C 64 4.83 -17.42 1.24
CA TYR C 64 6.02 -16.65 1.53
C TYR C 64 5.78 -15.50 2.51
N LYS C 65 4.70 -15.56 3.29
CA LYS C 65 4.47 -14.58 4.37
C LYS C 65 5.38 -14.97 5.50
N ALA C 66 5.92 -13.98 6.22
CA ALA C 66 6.88 -14.22 7.30
C ALA C 66 8.10 -15.03 6.80
N LYS C 67 8.45 -14.76 5.54
CA LYS C 67 9.63 -15.28 4.88
C LYS C 67 10.23 -14.13 4.09
N ALA C 68 9.44 -13.56 3.18
CA ALA C 68 9.84 -12.40 2.38
C ALA C 68 9.26 -11.12 2.94
N THR C 69 9.99 -10.02 2.76
CA THR C 69 9.56 -8.71 3.24
C THR C 69 9.81 -7.72 2.13
N LEU C 70 8.71 -7.32 1.47
CA LEU C 70 8.73 -6.40 0.34
C LEU C 70 8.55 -4.96 0.78
N THR C 71 9.51 -4.13 0.38
CA THR C 71 9.53 -2.70 0.69
C THR C 71 9.96 -1.93 -0.54
N SER C 72 9.73 -0.62 -0.52
CA SER C 72 10.10 0.22 -1.64
C SER C 72 10.75 1.51 -1.17
N ASP C 73 11.65 2.02 -2.01
CA ASP C 73 12.33 3.28 -1.80
C ASP C 73 11.55 4.36 -2.51
N LYS C 74 11.32 5.48 -1.81
CA LYS C 74 10.62 6.62 -2.36
C LYS C 74 11.49 7.36 -3.38
N SER C 75 12.69 7.82 -2.93
CA SER C 75 13.59 8.61 -3.75
C SER C 75 14.03 7.86 -5.02
N SER C 76 14.78 6.76 -4.85
CA SER C 76 15.34 6.03 -5.98
C SER C 76 14.30 5.20 -6.74
N SER C 77 13.08 5.03 -6.19
CA SER C 77 12.04 4.21 -6.83
C SER C 77 12.64 2.83 -7.17
N THR C 78 12.81 2.03 -6.13
CA THR C 78 13.44 0.72 -6.19
C THR C 78 12.73 -0.22 -5.23
N VAL C 79 12.48 -1.43 -5.68
CA VAL C 79 11.84 -2.44 -4.86
C VAL C 79 12.92 -3.26 -4.11
N TYR C 80 12.52 -3.83 -2.98
CA TYR C 80 13.42 -4.61 -2.13
C TYR C 80 12.70 -5.81 -1.57
N MET C 81 13.38 -6.97 -1.58
CA MET C 81 12.84 -8.20 -1.01
C MET C 81 13.81 -8.82 -0.01
N GLU C 82 13.45 -8.85 1.28
CA GLU C 82 14.24 -9.47 2.35
C GLU C 82 13.75 -10.90 2.59
N LEU C 83 14.66 -11.85 2.81
CA LEU C 83 14.31 -13.25 3.06
C LEU C 83 14.87 -13.71 4.40
N SER C 84 14.05 -13.66 5.46
CA SER C 84 14.46 -14.02 6.82
C SER C 84 14.49 -15.53 7.05
N SER C 85 15.39 -15.98 7.95
CA SER C 85 15.54 -17.39 8.38
C SER C 85 15.64 -18.29 7.19
N LEU C 86 16.76 -18.17 6.48
CA LEU C 86 17.01 -18.86 5.22
C LEU C 86 17.44 -20.28 5.39
N THR C 87 17.11 -21.12 4.40
CA THR C 87 17.50 -22.54 4.38
C THR C 87 17.80 -22.95 2.97
N SER C 88 18.23 -24.20 2.78
CA SER C 88 18.52 -24.75 1.46
C SER C 88 17.36 -24.57 0.50
N GLU C 89 16.13 -24.65 1.02
CA GLU C 89 14.91 -24.52 0.24
C GLU C 89 14.81 -23.14 -0.39
N ASP C 90 15.64 -22.20 0.08
CA ASP C 90 15.57 -20.85 -0.41
C ASP C 90 16.70 -20.52 -1.39
N SER C 91 17.52 -21.50 -1.77
CA SER C 91 18.59 -21.27 -2.72
C SER C 91 17.95 -21.29 -4.11
N ALA C 92 17.82 -20.10 -4.76
CA ALA C 92 17.17 -19.99 -6.07
C ALA C 92 17.52 -18.69 -6.74
N VAL C 93 17.11 -18.56 -8.00
CA VAL C 93 17.17 -17.31 -8.74
C VAL C 93 15.92 -16.52 -8.33
N TYR C 94 16.08 -15.21 -8.11
CA TYR C 94 14.97 -14.38 -7.70
C TYR C 94 14.77 -13.26 -8.65
N TYR C 95 13.67 -13.29 -9.39
CA TYR C 95 13.35 -12.25 -10.37
C TYR C 95 12.42 -11.23 -9.79
N CYS C 96 12.46 -10.00 -10.36
CA CYS C 96 11.51 -8.94 -10.09
C CYS C 96 10.96 -8.60 -11.45
N ALA C 97 9.65 -8.68 -11.60
CA ALA C 97 9.03 -8.41 -12.87
C ALA C 97 7.85 -7.43 -12.71
N ARG C 98 7.55 -6.73 -13.78
CA ARG C 98 6.47 -5.76 -13.85
C ARG C 98 5.59 -6.11 -15.09
N ILE C 99 4.30 -5.84 -14.95
CA ILE C 99 3.37 -6.19 -16.00
C ILE C 99 3.45 -5.17 -17.12
N GLY C 100 3.59 -5.69 -18.33
CA GLY C 100 3.50 -4.92 -19.54
C GLY C 100 2.15 -5.20 -20.17
N TYR C 101 1.43 -4.16 -20.47
CA TYR C 101 0.09 -4.26 -21.02
C TYR C 101 0.11 -4.21 -22.55
N PHE C 102 -0.57 -5.19 -23.13
CA PHE C 102 -0.89 -5.24 -24.55
C PHE C 102 -2.36 -4.88 -24.66
N ARG C 103 -2.71 -3.76 -25.26
CA ARG C 103 -4.12 -3.35 -25.37
C ARG C 103 -4.82 -3.06 -24.01
N TYR C 104 -4.79 -1.78 -23.60
CA TYR C 104 -5.45 -1.33 -22.37
C TYR C 104 -6.97 -1.33 -22.54
N ASP C 105 -7.44 -1.15 -23.77
CA ASP C 105 -8.88 -1.13 -24.08
C ASP C 105 -9.54 -2.44 -23.70
N GLU C 106 -8.92 -3.56 -24.06
CA GLU C 106 -9.48 -4.86 -23.75
C GLU C 106 -8.90 -5.43 -22.44
N GLY C 107 -9.80 -5.98 -21.64
CA GLY C 107 -9.42 -6.59 -20.36
C GLY C 107 -8.67 -7.90 -20.48
N GLY C 108 -7.61 -8.00 -19.72
CA GLY C 108 -6.84 -9.24 -19.64
C GLY C 108 -5.66 -9.41 -20.58
N ASN C 109 -5.46 -8.45 -21.49
CA ASN C 109 -4.35 -8.58 -22.43
C ASN C 109 -3.09 -7.96 -21.77
N TYR C 110 -2.35 -8.77 -21.03
CA TYR C 110 -1.18 -8.28 -20.31
C TYR C 110 -0.29 -9.46 -19.97
N ALA C 111 0.92 -9.18 -19.48
CA ALA C 111 1.90 -10.19 -19.11
C ALA C 111 3.04 -9.55 -18.37
N LEU C 112 3.81 -10.35 -17.67
CA LEU C 112 4.96 -9.87 -16.93
C LEU C 112 6.01 -9.58 -17.96
N ASP C 113 5.92 -8.40 -18.58
CA ASP C 113 6.81 -8.04 -19.67
C ASP C 113 8.16 -7.54 -19.17
N TYR C 114 8.16 -6.64 -18.18
CA TYR C 114 9.41 -6.11 -17.65
C TYR C 114 10.03 -7.10 -16.70
N TRP C 115 11.12 -7.76 -17.11
CA TRP C 115 11.81 -8.74 -16.27
C TRP C 115 13.13 -8.23 -15.79
N GLY C 116 13.56 -8.71 -14.65
CA GLY C 116 14.87 -8.41 -14.09
C GLY C 116 15.85 -9.51 -14.44
N GLN C 117 17.14 -9.18 -14.37
CA GLN C 117 18.23 -10.12 -14.65
C GLN C 117 18.12 -11.39 -13.80
N GLY C 118 17.79 -11.21 -12.52
CA GLY C 118 17.63 -12.30 -11.59
C GLY C 118 18.75 -12.32 -10.58
N THR C 119 18.41 -12.19 -9.32
CA THR C 119 19.35 -12.22 -8.20
C THR C 119 19.40 -13.66 -7.67
N SER C 120 20.49 -14.37 -7.97
CA SER C 120 20.64 -15.75 -7.49
C SER C 120 21.08 -15.76 -6.03
N VAL C 121 20.52 -16.70 -5.26
CA VAL C 121 20.80 -16.80 -3.84
C VAL C 121 21.27 -18.21 -3.57
N THR C 122 22.43 -18.35 -2.92
CA THR C 122 23.02 -19.64 -2.53
C THR C 122 23.08 -19.69 -0.99
N VAL C 123 22.17 -20.46 -0.39
CA VAL C 123 22.06 -20.60 1.07
C VAL C 123 22.83 -21.81 1.48
N SER C 124 24.11 -21.60 1.83
CA SER C 124 25.01 -22.69 2.23
C SER C 124 25.94 -22.26 3.34
N SER C 125 26.23 -23.21 4.21
CA SER C 125 27.17 -22.95 5.29
C SER C 125 28.61 -22.94 4.73
N ALA C 126 28.82 -23.51 3.52
CA ALA C 126 30.14 -23.59 2.87
C ALA C 126 30.68 -22.25 2.50
N SER C 127 31.88 -21.94 2.96
CA SER C 127 32.59 -20.70 2.64
C SER C 127 33.09 -20.69 1.19
N THR C 128 33.01 -19.52 0.57
CA THR C 128 33.39 -19.35 -0.82
C THR C 128 34.82 -19.81 -1.07
N LYS C 129 34.95 -20.87 -1.90
CA LYS C 129 36.20 -21.55 -2.26
C LYS C 129 36.62 -21.21 -3.68
N GLY C 130 37.90 -21.33 -3.93
CA GLY C 130 38.43 -21.05 -5.25
C GLY C 130 38.66 -22.28 -6.13
N PRO C 131 38.35 -22.19 -7.44
CA PRO C 131 38.58 -23.34 -8.32
C PRO C 131 40.05 -23.60 -8.71
N SER C 132 40.52 -24.82 -8.46
CA SER C 132 41.86 -25.27 -8.92
C SER C 132 41.65 -25.86 -10.33
N VAL C 133 42.31 -25.33 -11.33
CA VAL C 133 42.09 -25.74 -12.71
C VAL C 133 43.17 -26.72 -13.15
N PHE C 134 42.79 -27.79 -13.84
CA PHE C 134 43.73 -28.77 -14.32
C PHE C 134 43.54 -29.04 -15.80
N PRO C 135 44.62 -29.35 -16.55
CA PRO C 135 44.46 -29.61 -17.98
C PRO C 135 43.73 -30.93 -18.27
N LEU C 136 43.19 -31.03 -19.49
CA LEU C 136 42.52 -32.22 -19.96
C LEU C 136 43.09 -32.59 -21.32
N ALA C 137 44.38 -33.00 -21.36
CA ALA C 137 45.05 -33.42 -22.58
C ALA C 137 45.26 -34.97 -22.59
N PRO C 138 45.33 -35.57 -23.79
CA PRO C 138 45.47 -37.04 -23.87
C PRO C 138 46.90 -37.53 -23.58
N CYS C 139 47.16 -38.81 -23.90
CA CYS C 139 48.45 -39.47 -23.77
C CYS C 139 49.34 -39.24 -24.98
N SER C 140 49.21 -38.09 -25.66
CA SER C 140 50.03 -37.69 -26.82
C SER C 140 49.92 -38.69 -28.00
N ARG C 141 48.90 -39.58 -27.95
CA ARG C 141 48.67 -40.59 -29.00
C ARG C 141 47.34 -40.33 -29.70
N SER C 142 47.36 -40.36 -31.05
CA SER C 142 46.15 -40.17 -31.85
C SER C 142 46.19 -40.99 -33.11
N THR C 143 47.42 -41.31 -33.60
CA THR C 143 47.69 -42.07 -34.84
C THR C 143 46.91 -41.46 -36.01
N SER C 144 46.85 -40.13 -36.01
CA SER C 144 46.18 -39.30 -37.00
C SER C 144 44.67 -39.61 -37.05
N GLU C 145 43.96 -39.29 -35.95
CA GLU C 145 42.50 -39.42 -35.90
C GLU C 145 41.84 -38.22 -36.62
N SER C 146 42.65 -37.18 -36.95
CA SER C 146 42.28 -35.93 -37.62
C SER C 146 41.43 -35.01 -36.71
N THR C 147 41.07 -35.48 -35.52
CA THR C 147 40.32 -34.71 -34.55
C THR C 147 40.87 -35.01 -33.17
N ALA C 148 41.18 -33.96 -32.39
CA ALA C 148 41.79 -34.10 -31.09
C ALA C 148 41.06 -33.29 -30.07
N ALA C 149 40.90 -33.85 -28.87
CA ALA C 149 40.22 -33.18 -27.77
C ALA C 149 41.21 -32.88 -26.64
N LEU C 150 40.95 -31.75 -25.96
CA LEU C 150 41.72 -31.28 -24.81
C LEU C 150 40.86 -30.26 -24.04
N GLY C 151 41.22 -29.96 -22.79
CA GLY C 151 40.38 -29.03 -22.05
C GLY C 151 40.84 -28.66 -20.67
N CYS C 152 39.94 -28.04 -19.86
CA CYS C 152 40.17 -27.66 -18.48
C CYS C 152 39.27 -28.45 -17.60
N LEU C 153 39.77 -28.82 -16.42
CA LEU C 153 38.93 -29.37 -15.40
C LEU C 153 38.96 -28.41 -14.22
N VAL C 154 38.02 -27.49 -14.19
CA VAL C 154 37.90 -26.51 -13.11
C VAL C 154 37.28 -27.20 -11.93
N LYS C 155 38.10 -27.42 -10.88
CA LYS C 155 37.74 -28.24 -9.74
C LYS C 155 37.59 -27.47 -8.46
N ASP C 156 36.71 -27.98 -7.59
CA ASP C 156 36.55 -27.56 -6.19
C ASP C 156 36.43 -26.06 -5.99
N TYR C 157 35.25 -25.55 -6.29
CA TYR C 157 34.95 -24.14 -6.10
C TYR C 157 33.56 -23.98 -5.48
N PHE C 158 33.35 -22.82 -4.85
CA PHE C 158 32.08 -22.47 -4.25
C PHE C 158 31.97 -21.00 -4.12
N PRO C 159 30.81 -20.40 -4.41
CA PRO C 159 29.61 -21.03 -4.96
C PRO C 159 29.68 -21.00 -6.49
N GLU C 160 28.65 -21.57 -7.16
CA GLU C 160 28.59 -21.43 -8.59
C GLU C 160 28.41 -19.92 -8.87
N PRO C 161 28.88 -19.32 -9.97
CA PRO C 161 29.43 -19.90 -11.20
C PRO C 161 30.89 -19.63 -11.56
N VAL C 162 31.35 -20.46 -12.53
CA VAL C 162 32.66 -20.39 -13.17
C VAL C 162 32.44 -20.12 -14.63
N THR C 163 33.16 -19.15 -15.19
CA THR C 163 33.07 -18.69 -16.55
C THR C 163 34.26 -19.22 -17.28
N VAL C 164 34.02 -20.21 -18.15
CA VAL C 164 35.14 -20.75 -18.93
C VAL C 164 35.12 -20.27 -20.37
N SER C 165 36.11 -19.44 -20.75
CA SER C 165 36.41 -19.04 -22.10
C SER C 165 37.66 -19.84 -22.61
N TRP C 166 37.82 -19.92 -23.92
CA TRP C 166 38.95 -20.58 -24.53
C TRP C 166 39.71 -19.60 -25.47
N ASN C 167 41.05 -19.58 -25.35
CA ASN C 167 41.95 -18.70 -26.11
C ASN C 167 41.47 -17.24 -26.09
N SER C 168 41.04 -16.82 -24.87
CA SER C 168 40.54 -15.47 -24.59
C SER C 168 39.41 -15.18 -25.56
N GLY C 169 38.43 -16.09 -25.64
CA GLY C 169 37.27 -15.99 -26.52
C GLY C 169 37.54 -16.11 -28.03
N ALA C 170 38.81 -16.24 -28.45
CA ALA C 170 39.13 -16.38 -29.89
C ALA C 170 38.67 -17.72 -30.39
N LEU C 171 38.68 -18.72 -29.52
CA LEU C 171 38.19 -20.05 -29.88
C LEU C 171 36.75 -20.18 -29.38
N THR C 172 35.83 -20.27 -30.34
CA THR C 172 34.39 -20.31 -30.09
C THR C 172 33.69 -21.66 -30.52
N SER C 173 34.34 -22.38 -31.48
CA SER C 173 33.81 -23.58 -32.05
C SER C 173 34.59 -24.84 -31.61
N GLY C 174 33.81 -25.90 -31.43
CA GLY C 174 34.24 -27.18 -30.91
C GLY C 174 34.29 -27.13 -29.39
N VAL C 175 33.92 -25.99 -28.79
CA VAL C 175 33.97 -25.78 -27.36
C VAL C 175 32.77 -26.39 -26.70
N HIS C 176 32.96 -26.98 -25.51
CA HIS C 176 31.91 -27.54 -24.70
C HIS C 176 32.25 -27.28 -23.25
N THR C 177 31.48 -26.41 -22.60
CA THR C 177 31.62 -26.13 -21.18
C THR C 177 30.45 -26.79 -20.49
N PHE C 178 30.75 -27.84 -19.75
CA PHE C 178 29.74 -28.65 -19.10
C PHE C 178 29.18 -27.98 -17.85
N PRO C 179 27.90 -28.25 -17.55
CA PRO C 179 27.29 -27.67 -16.35
C PRO C 179 27.98 -28.21 -15.09
N ALA C 180 28.12 -27.35 -14.06
CA ALA C 180 28.84 -27.75 -12.87
C ALA C 180 28.13 -28.83 -12.14
N VAL C 181 28.90 -29.69 -11.50
CA VAL C 181 28.39 -30.80 -10.69
C VAL C 181 28.95 -30.66 -9.28
N LEU C 182 28.04 -30.58 -8.28
CA LEU C 182 28.44 -30.48 -6.88
C LEU C 182 28.95 -31.82 -6.46
N GLN C 183 30.27 -31.90 -6.24
CA GLN C 183 30.96 -33.13 -5.82
C GLN C 183 30.52 -33.54 -4.43
N SER C 184 30.61 -34.84 -4.12
CA SER C 184 30.13 -35.32 -2.83
C SER C 184 30.71 -34.45 -1.68
N SER C 185 31.96 -33.98 -1.88
CA SER C 185 32.71 -33.11 -0.98
C SER C 185 31.95 -31.86 -0.61
N GLY C 186 31.16 -31.35 -1.52
CA GLY C 186 30.38 -30.15 -1.26
C GLY C 186 30.68 -29.02 -2.21
N LEU C 187 31.74 -29.19 -3.01
CA LEU C 187 32.17 -28.17 -3.98
C LEU C 187 31.74 -28.51 -5.37
N TYR C 188 31.71 -27.51 -6.24
CA TYR C 188 31.36 -27.70 -7.66
C TYR C 188 32.59 -27.93 -8.48
N SER C 189 32.42 -28.65 -9.59
CA SER C 189 33.48 -28.94 -10.53
C SER C 189 32.91 -29.07 -11.90
N LEU C 190 33.62 -28.53 -12.89
CA LEU C 190 33.18 -28.60 -14.27
C LEU C 190 34.38 -28.68 -15.18
N SER C 191 34.19 -29.38 -16.28
CA SER C 191 35.12 -29.55 -17.37
C SER C 191 34.70 -28.67 -18.52
N SER C 192 35.68 -28.14 -19.22
CA SER C 192 35.48 -27.41 -20.46
C SER C 192 36.48 -27.95 -21.45
N VAL C 193 35.99 -28.74 -22.40
CA VAL C 193 36.85 -29.33 -23.45
C VAL C 193 36.59 -28.71 -24.80
N VAL C 194 37.54 -28.89 -25.72
CA VAL C 194 37.45 -28.34 -27.04
C VAL C 194 38.07 -29.33 -28.03
N THR C 195 37.35 -29.64 -29.11
CA THR C 195 37.85 -30.47 -30.20
C THR C 195 38.55 -29.60 -31.18
N VAL C 196 39.80 -29.87 -31.40
CA VAL C 196 40.61 -29.08 -32.34
C VAL C 196 41.21 -30.03 -33.40
N PRO C 197 41.90 -29.56 -34.45
CA PRO C 197 42.56 -30.51 -35.36
C PRO C 197 43.75 -31.20 -34.69
N SER C 198 43.91 -32.51 -34.91
CA SER C 198 45.01 -33.27 -34.32
C SER C 198 46.38 -32.70 -34.72
N SER C 199 46.46 -32.05 -35.91
CA SER C 199 47.67 -31.46 -36.44
C SER C 199 48.11 -30.23 -35.64
N SER C 200 47.21 -29.58 -34.93
CA SER C 200 47.53 -28.37 -34.20
C SER C 200 48.11 -28.61 -32.84
N LEU C 201 48.03 -29.85 -32.29
CA LEU C 201 48.52 -30.16 -30.95
C LEU C 201 50.01 -29.80 -30.72
N GLY C 202 50.74 -29.50 -31.78
CA GLY C 202 52.13 -29.07 -31.66
C GLY C 202 52.44 -27.75 -32.35
N THR C 203 51.38 -27.05 -32.82
CA THR C 203 51.54 -25.78 -33.53
C THR C 203 50.68 -24.65 -32.92
N LYS C 204 49.44 -24.96 -32.49
CA LYS C 204 48.55 -23.94 -31.94
C LYS C 204 48.44 -24.08 -30.42
N THR C 205 48.55 -22.95 -29.72
CA THR C 205 48.49 -22.90 -28.26
C THR C 205 47.07 -22.73 -27.82
N TYR C 206 46.66 -23.51 -26.85
CA TYR C 206 45.29 -23.52 -26.34
C TYR C 206 45.19 -23.08 -24.86
N THR C 207 45.20 -21.77 -24.62
CA THR C 207 45.04 -21.19 -23.27
C THR C 207 43.57 -21.25 -22.90
N CYS C 208 43.31 -21.42 -21.66
CA CYS C 208 41.96 -21.66 -21.20
C CYS C 208 41.63 -20.73 -20.03
N ASN C 209 40.93 -19.64 -20.34
CA ASN C 209 40.58 -18.61 -19.35
C ASN C 209 39.41 -19.06 -18.51
N VAL C 210 39.64 -19.17 -17.23
CA VAL C 210 38.63 -19.52 -16.23
C VAL C 210 38.45 -18.32 -15.30
N ASP C 211 37.21 -18.00 -14.98
CA ASP C 211 36.93 -16.86 -14.14
C ASP C 211 35.89 -17.26 -13.07
N HIS C 212 36.13 -16.88 -11.80
CA HIS C 212 35.25 -17.20 -10.69
C HIS C 212 35.16 -16.00 -9.78
N LYS C 213 34.25 -15.10 -10.12
CA LYS C 213 34.09 -13.82 -9.44
C LYS C 213 33.94 -13.95 -7.92
N PRO C 214 33.24 -14.98 -7.37
CA PRO C 214 33.07 -15.01 -5.91
C PRO C 214 34.39 -14.94 -5.19
N SER C 215 35.28 -15.93 -5.44
CA SER C 215 36.60 -15.98 -4.84
C SER C 215 37.56 -15.05 -5.55
N ASN C 216 37.08 -14.32 -6.56
CA ASN C 216 37.88 -13.48 -7.42
C ASN C 216 39.08 -14.29 -7.93
N THR C 217 38.77 -15.45 -8.52
CA THR C 217 39.74 -16.31 -9.17
C THR C 217 39.73 -16.00 -10.68
N LYS C 218 40.95 -15.78 -11.26
CA LYS C 218 41.14 -15.52 -12.66
C LYS C 218 42.37 -16.29 -13.10
N VAL C 219 42.20 -17.34 -13.90
CA VAL C 219 43.33 -18.19 -14.32
C VAL C 219 43.32 -18.49 -15.81
N ASP C 220 44.55 -18.57 -16.40
CA ASP C 220 44.74 -18.92 -17.81
C ASP C 220 45.59 -20.18 -17.85
N LYS C 221 44.95 -21.34 -18.07
CA LYS C 221 45.68 -22.60 -18.13
C LYS C 221 45.92 -23.03 -19.58
N ARG C 222 47.18 -22.94 -20.05
CA ARG C 222 47.51 -23.44 -21.39
C ARG C 222 47.68 -24.95 -21.32
N VAL C 223 46.81 -25.67 -22.01
CA VAL C 223 46.75 -27.13 -22.01
C VAL C 223 47.68 -27.70 -23.07
N GLU C 224 48.54 -28.62 -22.66
CA GLU C 224 49.47 -29.28 -23.54
C GLU C 224 49.36 -30.79 -23.40
N SER C 225 49.71 -31.50 -24.50
CA SER C 225 49.72 -32.97 -24.56
C SER C 225 51.00 -33.53 -23.88
N LYS C 226 51.08 -33.35 -22.53
CA LYS C 226 52.22 -33.78 -21.70
C LYS C 226 53.53 -33.24 -22.26
C1 NAG D . -12.34 3.18 -22.78
C2 NAG D . -12.61 2.32 -24.02
C3 NAG D . -11.41 2.02 -24.91
C4 NAG D . -10.58 3.28 -25.15
C5 NAG D . -10.38 4.09 -23.85
C6 NAG D . -9.69 5.42 -24.07
C7 NAG D . -14.58 0.83 -23.92
C8 NAG D . -15.33 0.06 -22.89
N2 NAG D . -13.29 1.09 -23.63
O3 NAG D . -11.86 1.52 -26.17
O4 NAG D . -9.32 2.92 -25.72
O5 NAG D . -11.65 4.36 -23.22
O6 NAG D . -9.13 5.94 -22.88
O7 NAG D . -15.10 1.25 -24.96
ZN ZN E . -15.23 44.33 49.16
C13 97Y F . -34.28 41.19 23.52
C15 97Y F . -33.10 39.91 21.67
C17 97Y F . -33.12 41.59 24.49
C20 97Y F . -35.90 39.86 24.97
C21 97Y F . -40.94 38.00 30.48
C22 97Y F . -39.28 38.53 28.57
C24 97Y F . -37.38 40.94 26.54
C26 97Y F . -32.15 40.65 24.85
C28 97Y F . -36.43 41.04 25.52
F01 97Y F . -42.13 37.67 29.89
F02 97Y F . -40.21 36.87 30.70
F03 97Y F . -41.22 38.64 31.65
O04 97Y F . -29.75 43.82 27.50
O05 97Y F . -26.41 41.64 31.56
O06 97Y F . -27.34 43.45 30.73
N07 97Y F . -38.80 39.63 28.03
N08 97Y F . -34.90 39.91 23.91
N09 97Y F . -40.18 40.23 29.59
N10 97Y F . -37.27 38.58 26.43
N11 97Y F . -28.78 41.71 27.36
C12 97Y F . -33.71 41.19 22.16
C14 97Y F . -33.66 40.24 20.30
C16 97Y F . -34.66 41.12 21.00
C18 97Y F . -40.16 38.92 29.58
C19 97Y F . -37.81 39.69 26.97
C23 97Y F . -39.36 40.65 28.65
C25 97Y F . -33.01 42.90 24.95
C27 97Y F . -36.36 38.63 25.46
C29 97Y F . -32.61 40.96 19.43
C30 97Y F . -34.36 39.06 19.64
C31 97Y F . -31.00 42.32 26.16
C32 97Y F . -31.95 43.27 25.78
C33 97Y F . -31.10 41.01 25.68
C34 97Y F . -29.82 42.71 27.07
C35 97Y F . -27.63 42.04 28.20
C36 97Y F . -27.72 41.35 29.56
C37 97Y F . -27.12 42.20 30.68
#